data_5I75
#
_entry.id   5I75
#
_cell.length_a   129.600
_cell.length_b   163.410
_cell.length_c   140.470
_cell.angle_alpha   90.00
_cell.angle_beta   90.00
_cell.angle_gamma   90.00
#
_symmetry.space_group_name_H-M   'C 2 2 21'
#
loop_
_entity.id
_entity.type
_entity.pdbx_description
1 polymer 'Sodium-dependent serotonin transporter'
2 polymer '8B6 antibody, heavy chain'
3 polymer '8B6 antibody, light chain'
4 non-polymer (1S)-1-[3-(dimethylamino)propyl]-1-(4-fluorophenyl)-1,3-dihydro-2-benzofuran-5-carbonitrile
5 non-polymer 2-acetamido-2-deoxy-beta-D-glucopyranose
6 non-polymer CHOLESTEROL
7 non-polymer TETRADECANE
8 non-polymer (1S)-1-(4-bromophenyl)-1-[3-(dimethylamino)propyl]-1,3-dihydro-2-benzofuran-5-carbonitrile
9 non-polymer 'SODIUM ION'
#
loop_
_entity_poly.entity_id
_entity_poly.type
_entity_poly.pdbx_seq_one_letter_code
_entity_poly.pdbx_strand_id
1 'polypeptide(L)'
;GSQGERETWGKKVDFLLSVIGYAVDLGNVWRFPYICAQNGGGAFLLPYTIMAIFGGIPLFYMELALGQYHRNGCISIWRK
ICPIFKGIGYAICIIAFYIASYYNTIMAWALYYLISSFTDQLPWTSCKNSWNTGNCTNYFSEDNITWTLHSTSPAEEFYT
RHVLQIHRSKGLQDLGGISWQLALCIMLIFTVIYFSIWKGVKTSGKVVWVTATFPYIALSVLLVRGATLPGAWRGVLFYL
KPNWQKLLETGVWIDAAAQIFFSLGPGFGVLLAFASYNKFNNNCYQDALVTSVVNCMTSFVSGFVIFTVLGYMAEMRNED
VSEVAKDAGPSLLFITYAEAIANMPASTFFAIIFFLMLITLGLDSSFAGLEGVITAVLDEFPHVWAKRRERFVLAVVITC
FFGSLVTLTFGGAYVVKLLEEYATGPAVLTVALIEAVAVSWFYGITQFCRDVKEMLGFSPGWFWRICWVAISPLFLLFII
ASFLMSPPQLRLFQYNYPYWSIILGYAIGTSSFICIPTYIAYRLIITPGTFKERIIKSITPETPTLVPR
;
A
2 'polypeptide(L)'
;EVQLQQSGPELVKPGASVKISCKASGYTFTDYYMNWVKQSHGKSLEWIGNINPNNGGTSYNQKFKGKATLTVDKSSTTAY
MELRSLTSEDSAVYYCTRSPVRPYYFDYWGQGTTLTVSSAKTTPPSVYPLAPGCGDTTGSSVTLGCLVKGYFPESVTVTW
NSGSLSSSVHTFPALLQSGLYTMSSSVTVPSSTWPSQTVTCSVAHPASSTTVDKKLEPSGP
;
B
3 'polypeptide(L)'
;DIVMTQSHKFMSTSVGDRVSITCKASQDVSTAVAWYQQKPGQSPKLLIYSASYRYTGVPDRFTGSGSGTDFTFTISSVQA
EDLAVYYCQQHYSIPRTFGGGTKLEIKRADAAPTVSIFPPSSEQLTSGGASVVCFLNNFYPKDINVKWKIDGSERQNGVL
NSWTDQDSKDSTYSMSSTLTLTKDEYERHNSYTCEATHKTSTSPIVKSFNRNEC
;
C
#
# COMPACT_ATOMS: atom_id res chain seq x y z
N GLY A 4 45.18 14.59 -0.66
CA GLY A 4 45.59 15.97 -0.66
C GLY A 4 44.45 16.94 -0.94
N GLU A 5 43.94 16.91 -2.16
CA GLU A 5 42.95 17.86 -2.63
C GLU A 5 41.72 17.12 -3.13
N ARG A 6 40.60 17.84 -3.19
CA ARG A 6 39.35 17.27 -3.65
C ARG A 6 39.19 17.50 -5.14
N GLU A 7 38.12 16.93 -5.72
CA GLU A 7 37.87 17.04 -7.15
C GLU A 7 37.22 18.38 -7.47
N THR A 8 37.00 18.63 -8.76
CA THR A 8 36.39 19.86 -9.23
C THR A 8 35.36 19.50 -10.30
N TRP A 9 34.89 20.51 -11.02
CA TRP A 9 33.90 20.32 -12.07
C TRP A 9 34.59 20.03 -13.41
N GLY A 10 33.88 19.27 -14.25
CA GLY A 10 34.40 18.99 -15.58
C GLY A 10 34.19 20.15 -16.53
N LYS A 11 33.16 20.96 -16.29
CA LYS A 11 32.84 22.12 -17.09
C LYS A 11 31.88 22.99 -16.27
N LYS A 12 32.01 24.30 -16.46
CA LYS A 12 31.11 25.25 -15.79
C LYS A 12 29.65 24.92 -16.04
N VAL A 13 29.31 24.59 -17.29
CA VAL A 13 27.92 24.32 -17.65
C VAL A 13 27.38 23.10 -16.91
N ASP A 14 28.23 22.13 -16.58
CA ASP A 14 27.75 20.93 -15.91
C ASP A 14 27.13 21.25 -14.57
N PHE A 15 27.84 22.00 -13.72
CA PHE A 15 27.26 22.37 -12.43
C PHE A 15 26.27 23.51 -12.56
N LEU A 16 26.47 24.39 -13.54
CA LEU A 16 25.50 25.45 -13.79
C LEU A 16 24.14 24.88 -14.12
N LEU A 17 24.10 23.71 -14.76
CA LEU A 17 22.85 23.02 -15.03
C LEU A 17 22.49 22.04 -13.94
N SER A 18 23.46 21.66 -13.12
CA SER A 18 23.20 20.72 -12.03
C SER A 18 22.39 21.41 -10.93
N VAL A 19 22.80 22.63 -10.56
CA VAL A 19 22.07 23.36 -9.54
C VAL A 19 20.68 23.72 -10.03
N ILE A 20 20.56 24.07 -11.31
CA ILE A 20 19.25 24.38 -11.89
C ILE A 20 18.37 23.14 -11.89
N GLY A 21 18.94 22.01 -12.27
CA GLY A 21 18.20 20.76 -12.26
C GLY A 21 17.72 20.38 -10.87
N TYR A 22 18.54 20.60 -9.84
CA TYR A 22 18.05 20.40 -8.49
C TYR A 22 16.94 21.40 -8.13
N ALA A 23 17.10 22.67 -8.52
CA ALA A 23 16.09 23.66 -8.17
C ALA A 23 14.75 23.41 -8.86
N VAL A 24 14.77 22.91 -10.09
CA VAL A 24 13.55 22.68 -10.86
C VAL A 24 13.03 21.26 -10.64
N ASP A 25 11.76 21.15 -10.29
CA ASP A 25 11.18 19.84 -9.99
C ASP A 25 9.68 19.86 -10.33
N LEU A 26 8.93 18.93 -9.75
CA LEU A 26 7.49 18.83 -9.95
C LEU A 26 6.76 20.08 -9.48
N GLY A 27 7.13 20.58 -8.30
CA GLY A 27 6.39 21.69 -7.71
C GLY A 27 6.42 22.92 -8.59
N ASN A 28 7.56 23.18 -9.24
CA ASN A 28 7.60 24.26 -10.22
C ASN A 28 6.52 24.07 -11.28
N VAL A 29 6.26 22.81 -11.67
CA VAL A 29 5.31 22.55 -12.74
C VAL A 29 3.88 22.74 -12.29
N TRP A 30 3.52 22.22 -11.10
CA TRP A 30 2.10 22.18 -10.75
C TRP A 30 1.72 22.95 -9.49
N ARG A 31 2.61 23.04 -8.51
CA ARG A 31 2.33 23.81 -7.30
C ARG A 31 2.23 25.30 -7.58
N PHE A 32 3.14 25.85 -8.37
CA PHE A 32 3.08 27.28 -8.67
C PHE A 32 1.85 27.70 -9.48
N PRO A 33 1.41 26.95 -10.50
CA PRO A 33 0.19 27.39 -11.21
C PRO A 33 -1.05 27.44 -10.34
N TYR A 34 -1.27 26.43 -9.49
CA TYR A 34 -2.46 26.43 -8.65
C TYR A 34 -2.43 27.58 -7.64
N ILE A 35 -1.34 27.69 -6.88
CA ILE A 35 -1.25 28.71 -5.86
C ILE A 35 -1.23 30.10 -6.48
N CYS A 36 -0.82 30.18 -7.74
CA CYS A 36 -0.83 31.46 -8.43
C CYS A 36 -2.24 31.79 -8.91
N ALA A 37 -3.02 30.77 -9.25
CA ALA A 37 -4.37 30.98 -9.74
C ALA A 37 -5.33 31.33 -8.62
N GLN A 38 -5.16 30.72 -7.45
CA GLN A 38 -6.14 30.93 -6.38
C GLN A 38 -5.74 32.07 -5.45
N ASN A 39 -4.60 32.71 -5.66
CA ASN A 39 -4.16 33.80 -4.80
C ASN A 39 -3.91 35.06 -5.61
N GLY A 40 -4.93 35.57 -6.28
CA GLY A 40 -4.84 36.82 -7.00
C GLY A 40 -4.64 36.68 -8.50
N GLY A 41 -4.44 35.46 -8.99
CA GLY A 41 -4.18 35.31 -10.41
C GLY A 41 -2.85 35.92 -10.77
N GLY A 42 -2.86 36.74 -11.83
CA GLY A 42 -1.64 37.42 -12.22
C GLY A 42 -1.06 38.30 -11.14
N ALA A 43 -1.91 38.84 -10.26
CA ALA A 43 -1.42 39.68 -9.18
C ALA A 43 -0.56 38.91 -8.18
N PHE A 44 -0.53 37.58 -8.27
CA PHE A 44 0.35 36.84 -7.38
C PHE A 44 1.78 36.99 -7.81
N LEU A 45 1.99 37.49 -9.03
CA LEU A 45 3.32 37.71 -9.54
C LEU A 45 4.00 38.82 -8.74
N LEU A 46 3.21 39.72 -8.13
CA LEU A 46 3.83 40.83 -7.41
C LEU A 46 4.47 40.37 -6.10
N PRO A 47 3.78 39.67 -5.19
CA PRO A 47 4.45 39.26 -3.95
C PRO A 47 5.41 38.09 -4.17
N TYR A 48 5.27 37.36 -5.28
CA TYR A 48 6.15 36.23 -5.56
C TYR A 48 7.57 36.70 -5.82
N THR A 49 7.72 37.86 -6.46
CA THR A 49 9.03 38.40 -6.76
C THR A 49 9.63 39.09 -5.55
N ILE A 50 8.79 39.82 -4.79
CA ILE A 50 9.25 40.52 -3.61
C ILE A 50 9.85 39.54 -2.61
N MET A 51 9.21 38.38 -2.42
CA MET A 51 9.74 37.37 -1.52
C MET A 51 10.98 36.70 -2.05
N ALA A 52 11.24 36.83 -3.35
CA ALA A 52 12.46 36.26 -3.94
C ALA A 52 13.62 37.23 -3.77
N ILE A 53 13.46 38.45 -4.26
CA ILE A 53 14.54 39.44 -4.23
C ILE A 53 15.02 39.69 -2.81
N PHE A 54 14.09 39.73 -1.85
CA PHE A 54 14.44 40.04 -0.47
C PHE A 54 14.67 38.81 0.39
N GLY A 55 14.08 37.67 0.03
CA GLY A 55 14.17 36.47 0.83
C GLY A 55 14.91 35.33 0.15
N GLY A 56 14.41 34.92 -1.01
CA GLY A 56 14.96 33.79 -1.75
C GLY A 56 16.37 34.00 -2.28
N ILE A 57 16.55 35.05 -3.09
CA ILE A 57 17.87 35.30 -3.69
C ILE A 57 18.96 35.49 -2.64
N PRO A 58 18.76 36.26 -1.56
CA PRO A 58 19.85 36.39 -0.59
C PRO A 58 20.23 35.06 0.06
N LEU A 59 19.25 34.21 0.39
CA LEU A 59 19.57 32.91 0.96
C LEU A 59 20.24 32.00 -0.07
N PHE A 60 19.78 32.06 -1.32
CA PHE A 60 20.36 31.24 -2.38
C PHE A 60 21.81 31.60 -2.62
N TYR A 61 22.09 32.91 -2.75
CA TYR A 61 23.45 33.37 -3.01
C TYR A 61 24.34 33.20 -1.79
N MET A 62 23.82 33.54 -0.61
CA MET A 62 24.60 33.38 0.62
C MET A 62 24.94 31.92 0.87
N GLU A 63 24.00 31.01 0.55
CA GLU A 63 24.26 29.58 0.68
C GLU A 63 25.25 29.12 -0.37
N LEU A 64 25.14 29.67 -1.59
CA LEU A 64 25.97 29.24 -2.70
C LEU A 64 27.39 29.77 -2.59
N ALA A 65 27.61 30.84 -1.82
CA ALA A 65 28.92 31.43 -1.69
C ALA A 65 29.77 30.65 -0.69
N LEU A 66 29.19 30.31 0.46
CA LEU A 66 29.92 29.60 1.51
C LEU A 66 30.48 28.29 0.99
N GLY A 67 29.71 27.57 0.15
CA GLY A 67 30.20 26.32 -0.38
C GLY A 67 31.42 26.50 -1.27
N GLN A 68 31.41 27.51 -2.13
CA GLN A 68 32.52 27.73 -3.04
C GLN A 68 33.71 28.37 -2.34
N TYR A 69 33.49 29.00 -1.20
CA TYR A 69 34.59 29.60 -0.45
C TYR A 69 35.28 28.54 0.42
N HIS A 70 34.53 27.89 1.30
CA HIS A 70 35.13 26.95 2.24
C HIS A 70 35.40 25.59 1.60
N ARG A 71 34.67 25.25 0.54
CA ARG A 71 34.82 23.96 -0.16
C ARG A 71 34.72 22.78 0.80
N ASN A 72 33.76 22.85 1.73
CA ASN A 72 33.53 21.78 2.68
C ASN A 72 32.09 21.30 2.57
N GLY A 73 31.83 20.13 3.14
CA GLY A 73 30.51 19.54 3.12
C GLY A 73 29.54 20.28 4.02
N CYS A 74 28.39 19.64 4.24
CA CYS A 74 27.37 20.24 5.10
C CYS A 74 27.70 20.10 6.57
N ILE A 75 28.66 19.24 6.91
CA ILE A 75 29.03 18.94 8.28
C ILE A 75 30.36 19.59 8.64
N SER A 76 31.38 19.40 7.81
CA SER A 76 32.72 19.88 8.10
C SER A 76 32.82 21.39 8.00
N ILE A 77 31.86 22.05 7.35
CA ILE A 77 31.91 23.50 7.21
C ILE A 77 31.56 24.18 8.53
N TRP A 78 30.80 23.49 9.40
CA TRP A 78 30.44 24.06 10.70
C TRP A 78 31.59 23.96 11.68
N ARG A 79 32.48 22.98 11.49
CA ARG A 79 33.66 22.89 12.32
C ARG A 79 34.55 24.11 12.12
N LYS A 80 34.46 24.73 10.95
CA LYS A 80 35.25 25.90 10.57
C LYS A 80 34.49 27.20 10.78
N ILE A 81 33.26 27.14 11.30
CA ILE A 81 32.45 28.33 11.54
C ILE A 81 32.00 28.32 13.00
N CYS A 82 31.07 27.44 13.34
CA CYS A 82 30.57 27.33 14.71
C CYS A 82 30.40 25.85 15.06
N PRO A 83 31.43 25.23 15.64
CA PRO A 83 31.39 23.78 15.91
C PRO A 83 30.13 23.32 16.61
N ILE A 84 29.58 24.12 17.53
CA ILE A 84 28.36 23.70 18.24
C ILE A 84 27.20 23.50 17.28
N PHE A 85 27.20 24.20 16.14
CA PHE A 85 26.13 24.08 15.17
C PHE A 85 26.41 22.97 14.16
N LYS A 86 27.45 22.17 14.41
CA LYS A 86 27.78 21.06 13.54
C LYS A 86 26.62 20.08 13.43
N GLY A 87 25.81 19.98 14.49
CA GLY A 87 24.62 19.13 14.44
C GLY A 87 23.72 19.45 13.26
N ILE A 88 23.72 20.70 12.80
CA ILE A 88 22.98 21.06 11.59
C ILE A 88 23.36 20.11 10.46
N GLY A 89 24.67 19.96 10.21
CA GLY A 89 25.13 19.06 9.17
C GLY A 89 24.61 17.64 9.34
N TYR A 90 24.36 17.24 10.60
CA TYR A 90 23.78 15.93 10.86
C TYR A 90 22.28 15.98 10.70
N ALA A 91 21.66 17.05 11.22
CA ALA A 91 20.21 17.21 11.15
C ALA A 91 19.74 17.04 9.72
N ILE A 92 20.32 17.85 8.82
CA ILE A 92 20.01 17.74 7.39
C ILE A 92 20.08 16.29 6.94
N CYS A 93 21.15 15.59 7.32
CA CYS A 93 21.28 14.17 6.98
C CYS A 93 20.00 13.43 7.35
N ILE A 94 19.61 13.49 8.63
CA ILE A 94 18.39 12.83 9.07
C ILE A 94 17.21 13.32 8.24
N ILE A 95 17.13 14.63 8.06
CA ILE A 95 16.09 15.24 7.22
C ILE A 95 16.06 14.54 5.87
N ALA A 96 17.23 14.40 5.23
CA ALA A 96 17.30 13.77 3.93
C ALA A 96 16.67 12.38 3.98
N PHE A 97 16.96 11.60 5.02
CA PHE A 97 16.43 10.25 5.10
C PHE A 97 14.92 10.25 5.06
N TYR A 98 14.30 11.28 5.65
CA TYR A 98 12.85 11.40 5.61
C TYR A 98 12.40 11.82 4.21
N ILE A 99 13.07 12.81 3.64
CA ILE A 99 12.70 13.35 2.33
C ILE A 99 12.73 12.24 1.28
N ALA A 100 13.86 11.55 1.18
CA ALA A 100 14.02 10.47 0.22
C ALA A 100 13.01 9.34 0.42
N SER A 101 12.31 9.30 1.55
CA SER A 101 11.33 8.24 1.78
C SER A 101 10.09 8.38 0.90
N TYR A 102 9.77 9.59 0.45
CA TYR A 102 8.58 9.82 -0.36
C TYR A 102 8.87 10.49 -1.69
N TYR A 103 9.86 11.39 -1.75
CA TYR A 103 10.11 12.16 -2.97
C TYR A 103 10.38 11.25 -4.17
N ASN A 104 10.94 10.06 -3.93
CA ASN A 104 11.20 9.12 -5.01
C ASN A 104 9.94 8.35 -5.41
N THR A 105 9.11 7.98 -4.43
CA THR A 105 7.91 7.20 -4.72
C THR A 105 7.03 7.88 -5.77
N ILE A 106 6.93 9.21 -5.69
CA ILE A 106 6.19 9.95 -6.72
C ILE A 106 6.71 9.57 -8.09
N MET A 107 8.03 9.69 -8.27
CA MET A 107 8.63 9.30 -9.54
C MET A 107 8.28 7.85 -9.86
N ALA A 108 8.28 6.98 -8.85
CA ALA A 108 7.88 5.59 -9.08
C ALA A 108 6.53 5.55 -9.76
N TRP A 109 5.56 6.30 -9.22
CA TRP A 109 4.24 6.40 -9.82
C TRP A 109 4.33 6.80 -11.29
N ALA A 110 5.05 7.89 -11.57
CA ALA A 110 5.22 8.33 -12.95
C ALA A 110 5.79 7.21 -13.82
N LEU A 111 6.78 6.48 -13.30
CA LEU A 111 7.39 5.37 -14.05
C LEU A 111 6.37 4.29 -14.36
N TYR A 112 5.55 3.92 -13.37
CA TYR A 112 4.51 2.92 -13.59
C TYR A 112 3.49 3.44 -14.58
N TYR A 113 3.33 4.76 -14.66
CA TYR A 113 2.43 5.34 -15.64
C TYR A 113 3.07 5.34 -17.01
N LEU A 114 4.41 5.38 -17.05
CA LEU A 114 5.15 5.42 -18.30
C LEU A 114 5.20 4.04 -18.93
N ILE A 115 5.42 3.00 -18.11
CA ILE A 115 5.51 1.66 -18.64
C ILE A 115 4.15 1.13 -19.03
N SER A 116 3.09 1.83 -18.59
CA SER A 116 1.73 1.46 -18.94
C SER A 116 1.21 2.31 -20.09
N SER A 117 2.06 3.19 -20.61
CA SER A 117 1.69 4.09 -21.69
C SER A 117 2.25 3.62 -23.03
N PHE A 118 2.72 2.37 -23.10
CA PHE A 118 3.25 1.80 -24.33
C PHE A 118 2.19 1.04 -25.10
N THR A 119 0.97 1.02 -24.60
CA THR A 119 -0.16 0.35 -25.23
C THR A 119 -0.84 1.28 -26.22
N ASP A 120 -1.36 0.69 -27.30
CA ASP A 120 -2.08 1.47 -28.31
C ASP A 120 -3.33 2.12 -27.72
N GLN A 121 -3.95 1.47 -26.74
CA GLN A 121 -5.10 2.02 -26.03
C GLN A 121 -4.69 2.24 -24.57
N LEU A 122 -4.66 3.50 -24.15
CA LEU A 122 -4.21 3.84 -22.80
C LEU A 122 -5.18 3.30 -21.75
N PRO A 123 -4.66 2.73 -20.66
CA PRO A 123 -5.52 2.11 -19.65
C PRO A 123 -6.57 3.03 -19.02
N TRP A 124 -6.28 4.32 -18.86
CA TRP A 124 -7.19 5.23 -18.17
C TRP A 124 -8.16 5.95 -19.10
N THR A 125 -8.46 5.38 -20.26
CA THR A 125 -9.44 5.95 -21.17
C THR A 125 -10.79 5.24 -21.05
N SER A 126 -10.78 3.92 -21.04
CA SER A 126 -11.98 3.11 -20.95
C SER A 126 -12.23 2.71 -19.50
N CYS A 127 -13.41 2.13 -19.26
CA CYS A 127 -13.81 1.66 -17.94
C CYS A 127 -13.85 0.15 -17.84
N LYS A 128 -13.67 -0.55 -18.96
CA LYS A 128 -13.71 -2.02 -19.01
C LYS A 128 -12.35 -2.58 -18.60
N ASN A 129 -12.01 -2.40 -17.34
CA ASN A 129 -10.75 -2.89 -16.78
C ASN A 129 -11.04 -3.74 -15.55
N SER A 130 -9.97 -4.25 -14.93
CA SER A 130 -10.09 -5.15 -13.79
C SER A 130 -10.13 -4.40 -12.46
N TRP A 131 -9.92 -3.08 -12.48
CA TRP A 131 -9.88 -2.27 -11.28
C TRP A 131 -11.03 -1.28 -11.17
N ASN A 132 -11.70 -1.00 -12.28
CA ASN A 132 -12.80 -0.05 -12.28
C ASN A 132 -14.00 -0.61 -11.52
N THR A 133 -14.76 0.29 -10.90
CA THR A 133 -15.96 -0.04 -10.17
C THR A 133 -17.19 0.15 -11.07
N GLY A 134 -18.38 0.06 -10.46
CA GLY A 134 -19.58 0.33 -11.21
C GLY A 134 -19.90 1.78 -11.37
N ASN A 135 -19.19 2.64 -10.66
CA ASN A 135 -19.35 4.08 -10.82
C ASN A 135 -18.60 4.62 -12.03
N CYS A 136 -17.72 3.81 -12.59
CA CYS A 136 -16.86 4.26 -13.68
C CYS A 136 -17.65 4.68 -14.91
N THR A 137 -17.50 5.95 -15.29
CA THR A 137 -18.15 6.49 -16.47
C THR A 137 -17.13 7.25 -17.31
N ASN A 138 -16.95 6.85 -18.57
CA ASN A 138 -15.97 7.49 -19.44
C ASN A 138 -16.69 8.20 -20.57
N TYR A 139 -15.90 8.78 -21.47
CA TYR A 139 -16.42 9.41 -22.66
C TYR A 139 -16.28 8.47 -23.86
N PHE A 140 -16.68 8.96 -25.04
CA PHE A 140 -17.00 8.10 -26.18
C PHE A 140 -18.09 7.11 -25.81
N SER A 141 -18.92 7.49 -24.85
CA SER A 141 -20.04 6.72 -24.34
C SER A 141 -21.34 7.45 -24.66
N GLU A 142 -22.45 6.94 -24.12
CA GLU A 142 -23.74 7.58 -24.29
C GLU A 142 -23.68 9.04 -23.87
N ASP A 143 -24.40 9.88 -24.60
CA ASP A 143 -24.49 11.30 -24.27
C ASP A 143 -25.50 11.50 -23.15
N ASN A 144 -25.76 12.77 -22.80
CA ASN A 144 -26.72 13.20 -21.79
C ASN A 144 -26.30 12.82 -20.37
N ILE A 145 -25.18 12.08 -20.22
CA ILE A 145 -24.79 11.55 -18.92
C ILE A 145 -24.69 12.67 -17.89
N THR A 146 -25.12 12.32 -16.72
CA THR A 146 -25.10 13.28 -15.63
C THR A 146 -24.32 12.72 -14.45
N TRP A 147 -23.44 13.57 -13.89
CA TRP A 147 -22.55 13.11 -12.84
C TRP A 147 -23.28 13.03 -11.50
N THR A 148 -22.92 12.01 -10.72
CA THR A 148 -23.55 11.73 -9.44
C THR A 148 -22.49 11.87 -8.34
N LEU A 149 -22.97 12.02 -7.11
CA LEU A 149 -22.07 12.17 -5.96
C LEU A 149 -21.11 10.99 -5.82
N HIS A 150 -21.49 9.81 -6.29
CA HIS A 150 -20.65 8.63 -6.14
C HIS A 150 -19.92 8.28 -7.42
N SER A 151 -20.22 8.94 -8.53
CA SER A 151 -19.61 8.63 -9.82
C SER A 151 -18.14 9.03 -9.84
N THR A 152 -17.35 8.25 -10.57
CA THR A 152 -15.92 8.50 -10.74
C THR A 152 -15.56 8.34 -12.21
N SER A 153 -14.40 8.92 -12.60
CA SER A 153 -13.86 8.91 -13.95
C SER A 153 -12.79 7.83 -14.12
N PRO A 154 -12.64 7.30 -15.33
CA PRO A 154 -11.65 6.23 -15.56
C PRO A 154 -10.23 6.64 -15.18
N ALA A 155 -9.90 7.92 -15.28
CA ALA A 155 -8.58 8.38 -14.85
C ALA A 155 -8.47 8.34 -13.32
N GLU A 156 -9.47 8.90 -12.64
CA GLU A 156 -9.51 8.85 -11.17
C GLU A 156 -9.53 7.40 -10.70
N GLU A 157 -10.26 6.54 -11.40
CA GLU A 157 -10.30 5.12 -11.05
C GLU A 157 -8.93 4.48 -11.26
N PHE A 158 -8.24 4.85 -12.34
CA PHE A 158 -6.94 4.25 -12.65
C PHE A 158 -5.88 4.66 -11.64
N TYR A 159 -5.88 5.94 -11.23
CA TYR A 159 -4.93 6.38 -10.23
C TYR A 159 -5.27 5.80 -8.86
N THR A 160 -6.54 5.89 -8.47
CA THR A 160 -6.96 5.52 -7.13
C THR A 160 -6.85 4.01 -6.89
N ARG A 161 -7.36 3.21 -7.83
CA ARG A 161 -7.53 1.78 -7.57
C ARG A 161 -6.49 0.88 -8.21
N HIS A 162 -5.64 1.38 -9.11
CA HIS A 162 -4.67 0.53 -9.80
C HIS A 162 -3.25 0.83 -9.34
N VAL A 163 -2.70 1.99 -9.67
CA VAL A 163 -1.31 2.28 -9.34
C VAL A 163 -1.15 2.58 -7.85
N LEU A 164 -1.92 3.54 -7.34
CA LEU A 164 -1.83 3.86 -5.92
C LEU A 164 -2.47 2.78 -5.07
N GLN A 165 -3.60 2.23 -5.53
CA GLN A 165 -4.34 1.17 -4.83
C GLN A 165 -4.72 1.62 -3.42
N ILE A 166 -5.19 2.86 -3.31
CA ILE A 166 -5.45 3.46 -2.00
C ILE A 166 -6.77 2.98 -1.41
N HIS A 167 -7.57 2.27 -2.20
CA HIS A 167 -8.84 1.75 -1.70
C HIS A 167 -8.65 0.54 -0.80
N ARG A 168 -7.44 0.00 -0.73
CA ARG A 168 -7.14 -1.19 0.06
C ARG A 168 -6.71 -0.84 1.48
N SER A 169 -6.65 0.44 1.81
CA SER A 169 -6.28 0.91 3.13
C SER A 169 -7.38 1.81 3.68
N LYS A 170 -7.51 1.84 5.00
CA LYS A 170 -8.53 2.65 5.66
C LYS A 170 -7.99 3.96 6.20
N GLY A 171 -6.72 4.25 5.98
CA GLY A 171 -6.12 5.47 6.46
C GLY A 171 -4.75 5.19 7.01
N LEU A 172 -4.29 6.07 7.90
CA LEU A 172 -2.99 5.88 8.51
C LEU A 172 -2.98 4.68 9.45
N GLN A 173 -4.12 4.40 10.09
CA GLN A 173 -4.22 3.28 11.02
C GLN A 173 -3.88 1.96 10.33
N ASP A 174 -4.62 1.62 9.28
CA ASP A 174 -4.38 0.39 8.53
C ASP A 174 -4.02 0.75 7.09
N LEU A 175 -2.76 0.53 6.72
CA LEU A 175 -2.26 0.88 5.40
C LEU A 175 -1.52 -0.25 4.69
N GLY A 176 -1.00 -1.23 5.43
CA GLY A 176 -0.27 -2.35 4.83
C GLY A 176 -1.15 -3.20 3.94
N GLY A 177 -0.53 -3.98 3.05
CA GLY A 177 0.91 -4.05 2.94
C GLY A 177 1.50 -3.26 1.79
N ILE A 178 2.61 -3.75 1.26
CA ILE A 178 3.39 -3.03 0.24
C ILE A 178 2.97 -3.51 -1.14
N SER A 179 2.90 -2.57 -2.09
CA SER A 179 2.66 -2.90 -3.49
C SER A 179 3.99 -3.21 -4.18
N TRP A 180 4.07 -4.39 -4.79
CA TRP A 180 5.32 -4.83 -5.40
C TRP A 180 5.62 -4.09 -6.71
N GLN A 181 4.58 -3.62 -7.40
CA GLN A 181 4.77 -2.90 -8.66
C GLN A 181 5.57 -1.62 -8.43
N LEU A 182 5.08 -0.76 -7.53
CA LEU A 182 5.79 0.48 -7.25
C LEU A 182 7.12 0.21 -6.56
N ALA A 183 7.28 -0.96 -5.96
CA ALA A 183 8.58 -1.32 -5.40
C ALA A 183 9.58 -1.58 -6.52
N LEU A 184 9.17 -2.31 -7.55
CA LEU A 184 10.04 -2.52 -8.71
C LEU A 184 10.32 -1.20 -9.42
N CYS A 185 9.31 -0.34 -9.56
CA CYS A 185 9.52 0.96 -10.17
C CYS A 185 10.56 1.76 -9.40
N ILE A 186 10.36 1.89 -8.08
CA ILE A 186 11.27 2.67 -7.27
C ILE A 186 12.64 2.01 -7.19
N MET A 187 12.72 0.71 -7.46
CA MET A 187 14.02 0.05 -7.55
C MET A 187 14.74 0.46 -8.83
N LEU A 188 14.01 0.51 -9.95
CA LEU A 188 14.61 0.98 -11.20
C LEU A 188 15.07 2.42 -11.05
N ILE A 189 14.29 3.24 -10.34
CA ILE A 189 14.67 4.63 -10.13
C ILE A 189 15.89 4.71 -9.22
N PHE A 190 15.89 3.94 -8.14
CA PHE A 190 17.04 3.91 -7.24
C PHE A 190 18.27 3.32 -7.91
N THR A 191 18.09 2.66 -9.06
CA THR A 191 19.19 2.14 -9.85
C THR A 191 19.67 3.20 -10.83
N VAL A 192 18.75 4.00 -11.36
CA VAL A 192 19.12 5.01 -12.34
C VAL A 192 19.78 6.20 -11.66
N ILE A 193 19.60 6.34 -10.34
CA ILE A 193 20.25 7.42 -9.60
C ILE A 193 21.59 6.93 -9.09
N TYR A 194 21.76 5.62 -8.95
CA TYR A 194 23.01 5.05 -8.46
C TYR A 194 24.12 5.29 -9.47
N PHE A 195 23.86 4.98 -10.73
CA PHE A 195 24.90 5.12 -11.75
C PHE A 195 25.12 6.56 -12.15
N SER A 196 24.39 7.50 -11.56
CA SER A 196 24.55 8.92 -11.82
C SER A 196 25.21 9.65 -10.66
N ILE A 197 25.56 8.93 -9.59
CA ILE A 197 26.13 9.53 -8.39
C ILE A 197 27.37 8.75 -7.97
N TRP A 198 27.36 7.44 -8.20
CA TRP A 198 28.38 6.55 -7.66
C TRP A 198 29.79 6.96 -8.07
N LYS A 199 29.94 7.58 -9.24
CA LYS A 199 31.26 8.00 -9.70
C LYS A 199 31.63 9.39 -9.19
N GLY A 200 30.70 10.08 -8.54
CA GLY A 200 30.99 11.39 -7.97
C GLY A 200 30.37 12.50 -8.78
N VAL A 201 31.04 13.65 -8.83
CA VAL A 201 30.52 14.80 -9.56
C VAL A 201 30.74 14.69 -11.06
N LYS A 202 31.54 13.70 -11.50
CA LYS A 202 31.81 13.52 -12.92
C LYS A 202 30.55 13.09 -13.67
N THR A 203 29.82 12.11 -13.12
CA THR A 203 28.61 11.65 -13.79
C THR A 203 27.42 12.54 -13.46
N SER A 204 27.36 13.04 -12.22
CA SER A 204 26.24 13.89 -11.83
C SER A 204 26.26 15.23 -12.56
N GLY A 205 27.35 15.55 -13.26
CA GLY A 205 27.42 16.73 -14.08
C GLY A 205 27.18 16.38 -15.54
N LYS A 206 27.14 15.09 -15.82
CA LYS A 206 26.92 14.58 -17.18
C LYS A 206 25.52 14.02 -17.35
N VAL A 207 24.99 13.35 -16.34
CA VAL A 207 23.63 12.81 -16.42
C VAL A 207 22.64 13.95 -16.41
N VAL A 208 22.98 15.04 -15.71
CA VAL A 208 22.11 16.22 -15.61
C VAL A 208 21.85 16.81 -16.99
N TRP A 209 22.81 16.67 -17.92
CA TRP A 209 22.63 17.18 -19.27
C TRP A 209 21.29 16.76 -19.86
N VAL A 210 20.89 15.51 -19.60
CA VAL A 210 19.64 14.97 -20.11
C VAL A 210 18.47 15.32 -19.18
N THR A 211 18.64 15.07 -17.89
CA THR A 211 17.54 15.21 -16.93
C THR A 211 17.06 16.66 -16.81
N ALA A 212 17.92 17.63 -17.11
CA ALA A 212 17.59 19.03 -16.94
C ALA A 212 17.11 19.71 -18.21
N THR A 213 17.41 19.15 -19.38
CA THR A 213 17.03 19.78 -20.64
C THR A 213 15.76 19.20 -21.23
N PHE A 214 15.45 17.94 -20.94
CA PHE A 214 14.23 17.31 -21.45
C PHE A 214 12.95 18.01 -20.98
N PRO A 215 12.79 18.37 -19.70
CA PRO A 215 11.53 19.00 -19.28
C PRO A 215 11.19 20.27 -20.03
N TYR A 216 12.18 21.04 -20.48
CA TYR A 216 11.86 22.26 -21.21
C TYR A 216 11.33 21.94 -22.60
N ILE A 217 11.89 20.91 -23.24
CA ILE A 217 11.38 20.47 -24.54
C ILE A 217 9.95 19.96 -24.39
N ALA A 218 9.73 19.04 -23.44
CA ALA A 218 8.39 18.51 -23.21
C ALA A 218 7.42 19.62 -22.86
N LEU A 219 7.84 20.57 -22.03
CA LEU A 219 6.99 21.71 -21.69
C LEU A 219 6.68 22.54 -22.93
N SER A 220 7.63 22.67 -23.86
CA SER A 220 7.36 23.40 -25.09
C SER A 220 6.32 22.70 -25.93
N VAL A 221 6.47 21.38 -26.10
CA VAL A 221 5.50 20.60 -26.89
C VAL A 221 4.12 20.69 -26.26
N LEU A 222 4.04 20.48 -24.94
CA LEU A 222 2.77 20.59 -24.23
C LEU A 222 2.23 22.02 -24.30
N LEU A 223 3.12 23.01 -24.43
CA LEU A 223 2.68 24.39 -24.48
C LEU A 223 2.00 24.69 -25.80
N VAL A 224 2.66 24.38 -26.92
CA VAL A 224 2.04 24.62 -28.22
C VAL A 224 0.85 23.70 -28.42
N ARG A 225 0.82 22.58 -27.69
CA ARG A 225 -0.34 21.69 -27.76
C ARG A 225 -1.51 22.32 -27.03
N GLY A 226 -1.32 22.72 -25.78
CA GLY A 226 -2.42 23.30 -25.05
C GLY A 226 -2.84 24.63 -25.62
N ALA A 227 -1.93 25.32 -26.29
CA ALA A 227 -2.27 26.59 -26.93
C ALA A 227 -3.13 26.35 -28.16
N THR A 228 -2.96 25.18 -28.80
CA THR A 228 -3.75 24.87 -29.98
C THR A 228 -5.11 24.29 -29.62
N LEU A 229 -5.30 23.88 -28.37
CA LEU A 229 -6.57 23.31 -27.93
C LEU A 229 -7.66 24.37 -27.85
N PRO A 230 -8.87 24.05 -28.31
CA PRO A 230 -9.95 25.04 -28.27
C PRO A 230 -10.41 25.33 -26.86
N GLY A 231 -10.70 26.60 -26.60
CA GLY A 231 -11.15 27.00 -25.28
C GLY A 231 -10.07 27.00 -24.23
N ALA A 232 -8.81 27.13 -24.64
CA ALA A 232 -7.69 27.15 -23.69
C ALA A 232 -7.51 28.51 -23.06
N TRP A 233 -8.19 29.53 -23.56
CA TRP A 233 -8.06 30.88 -23.03
C TRP A 233 -8.68 30.99 -21.64
N ARG A 234 -9.61 30.10 -21.29
CA ARG A 234 -10.26 30.18 -19.99
C ARG A 234 -9.28 29.89 -18.86
N GLY A 235 -8.42 28.88 -19.05
CA GLY A 235 -7.44 28.58 -18.02
C GLY A 235 -6.42 29.69 -17.87
N VAL A 236 -6.03 30.31 -18.98
CA VAL A 236 -5.08 31.42 -18.93
C VAL A 236 -5.73 32.62 -18.27
N LEU A 237 -7.01 32.87 -18.58
CA LEU A 237 -7.74 33.97 -17.96
C LEU A 237 -7.83 33.77 -16.46
N PHE A 238 -8.19 32.55 -16.03
CA PHE A 238 -8.26 32.25 -14.61
C PHE A 238 -6.89 32.26 -13.97
N TYR A 239 -5.84 32.08 -14.78
CA TYR A 239 -4.46 32.05 -14.31
C TYR A 239 -3.91 33.45 -14.11
N LEU A 240 -4.34 34.41 -14.92
CA LEU A 240 -3.80 35.76 -14.94
C LEU A 240 -4.79 36.84 -14.51
N LYS A 241 -6.04 36.48 -14.22
CA LYS A 241 -7.03 37.48 -13.83
C LYS A 241 -6.61 38.15 -12.53
N PRO A 242 -6.35 39.45 -12.53
CA PRO A 242 -5.88 40.12 -11.31
C PRO A 242 -6.98 40.21 -10.27
N ASN A 243 -6.68 39.71 -9.07
CA ASN A 243 -7.56 39.84 -7.91
C ASN A 243 -6.74 40.52 -6.83
N TRP A 244 -6.65 41.85 -6.91
CA TRP A 244 -5.78 42.61 -6.01
C TRP A 244 -6.25 42.58 -4.57
N GLN A 245 -7.47 42.11 -4.31
CA GLN A 245 -7.97 42.04 -2.94
C GLN A 245 -7.29 40.93 -2.18
N LYS A 246 -6.62 40.04 -2.90
CA LYS A 246 -5.93 38.93 -2.25
C LYS A 246 -4.69 39.48 -1.59
N LEU A 247 -4.11 40.55 -2.15
CA LEU A 247 -2.92 41.12 -1.56
C LEU A 247 -3.24 41.70 -0.18
N LEU A 248 -4.51 42.02 0.10
CA LEU A 248 -4.84 42.53 1.43
C LEU A 248 -4.75 41.44 2.49
N GLU A 249 -4.96 40.18 2.12
CA GLU A 249 -4.85 39.09 3.08
C GLU A 249 -3.38 38.80 3.38
N THR A 250 -3.07 38.70 4.68
CA THR A 250 -1.69 38.48 5.09
C THR A 250 -1.23 37.06 4.82
N GLY A 251 -2.12 36.19 4.36
CA GLY A 251 -1.82 34.80 4.10
C GLY A 251 -1.07 34.57 2.81
N VAL A 252 -1.48 35.26 1.74
CA VAL A 252 -0.88 35.01 0.43
C VAL A 252 0.59 35.44 0.40
N TRP A 253 0.98 36.38 1.25
CA TRP A 253 2.39 36.78 1.31
C TRP A 253 3.22 35.66 1.90
N ILE A 254 2.70 35.01 2.95
CA ILE A 254 3.38 33.89 3.56
C ILE A 254 3.42 32.71 2.58
N ASP A 255 2.33 32.51 1.84
CA ASP A 255 2.29 31.46 0.83
C ASP A 255 3.36 31.68 -0.23
N ALA A 256 3.50 32.93 -0.70
CA ALA A 256 4.51 33.26 -1.69
C ALA A 256 5.92 33.04 -1.13
N ALA A 257 6.15 33.49 0.11
CA ALA A 257 7.46 33.32 0.74
C ALA A 257 7.83 31.84 0.81
N ALA A 258 6.94 31.02 1.36
CA ALA A 258 7.20 29.59 1.45
C ALA A 258 7.45 28.99 0.07
N GLN A 259 6.62 29.36 -0.91
CA GLN A 259 6.76 28.80 -2.26
C GLN A 259 8.14 29.13 -2.84
N ILE A 260 8.59 30.37 -2.70
CA ILE A 260 9.89 30.70 -3.30
C ILE A 260 11.03 30.13 -2.47
N PHE A 261 10.79 29.82 -1.19
CA PHE A 261 11.83 29.19 -0.39
C PHE A 261 12.04 27.74 -0.78
N PHE A 262 10.98 26.94 -0.76
CA PHE A 262 11.10 25.55 -1.13
C PHE A 262 11.47 25.37 -2.59
N SER A 263 10.95 26.21 -3.50
CA SER A 263 11.39 26.10 -4.88
C SER A 263 12.87 26.42 -5.03
N LEU A 264 13.34 27.47 -4.35
CA LEU A 264 14.77 27.82 -4.40
C LEU A 264 15.63 26.82 -3.63
N GLY A 265 15.13 26.32 -2.49
CA GLY A 265 15.81 25.31 -1.72
C GLY A 265 17.14 25.64 -1.03
N PRO A 266 17.30 26.86 -0.48
CA PRO A 266 18.54 27.15 0.26
C PRO A 266 18.55 26.44 1.62
N GLY A 267 19.73 26.43 2.22
CA GLY A 267 19.86 26.05 3.61
C GLY A 267 19.93 24.56 3.87
N PHE A 268 20.12 23.76 2.83
CA PHE A 268 20.05 22.32 2.90
C PHE A 268 21.39 21.67 2.65
N GLY A 269 22.35 22.42 2.11
CA GLY A 269 23.69 21.94 1.85
C GLY A 269 23.89 21.41 0.46
N VAL A 270 22.83 21.35 -0.35
CA VAL A 270 22.99 20.93 -1.73
C VAL A 270 23.77 21.98 -2.51
N LEU A 271 23.34 23.25 -2.41
CA LEU A 271 24.06 24.32 -3.06
C LEU A 271 25.46 24.46 -2.49
N LEU A 272 25.62 24.14 -1.21
CA LEU A 272 26.94 24.16 -0.58
C LEU A 272 27.87 23.15 -1.22
N ALA A 273 27.38 21.91 -1.39
CA ALA A 273 28.18 20.85 -1.99
C ALA A 273 28.46 21.13 -3.46
N PHE A 274 27.45 21.58 -4.21
CA PHE A 274 27.65 21.89 -5.62
C PHE A 274 28.64 23.03 -5.80
N ALA A 275 28.62 24.01 -4.89
CA ALA A 275 29.55 25.13 -4.98
C ALA A 275 30.95 24.74 -4.54
N SER A 276 31.05 23.75 -3.64
CA SER A 276 32.34 23.29 -3.14
C SER A 276 33.26 22.86 -4.28
N TYR A 277 32.74 22.08 -5.22
CA TYR A 277 33.51 21.66 -6.40
C TYR A 277 33.41 22.74 -7.48
N ASN A 278 34.25 23.76 -7.36
CA ASN A 278 34.26 24.84 -8.34
C ASN A 278 35.53 25.68 -8.17
N LYS A 279 35.75 26.55 -9.15
CA LYS A 279 36.90 27.45 -9.13
C LYS A 279 36.77 28.47 -8.01
N PHE A 280 37.93 28.81 -7.41
CA PHE A 280 37.92 29.75 -6.30
C PHE A 280 37.63 31.18 -6.77
N ASN A 281 38.16 31.56 -7.93
CA ASN A 281 37.94 32.89 -8.46
C ASN A 281 36.67 32.98 -9.29
N ASN A 282 35.92 31.89 -9.37
CA ASN A 282 34.70 31.86 -10.14
C ASN A 282 33.62 32.76 -9.53
N ASN A 283 32.84 33.37 -10.41
CA ASN A 283 31.78 34.28 -9.99
C ASN A 283 30.61 33.53 -9.37
N CYS A 284 30.07 34.07 -8.28
CA CYS A 284 28.93 33.48 -7.59
C CYS A 284 27.65 34.27 -7.81
N TYR A 285 27.77 35.59 -7.98
CA TYR A 285 26.61 36.47 -8.18
C TYR A 285 25.80 36.04 -9.40
N GLN A 286 26.46 36.03 -10.57
CA GLN A 286 25.79 35.70 -11.81
C GLN A 286 25.19 34.29 -11.76
N ASP A 287 25.93 33.33 -11.22
CA ASP A 287 25.43 31.96 -11.13
C ASP A 287 24.10 31.91 -10.38
N ALA A 288 24.09 32.38 -9.13
CA ALA A 288 22.86 32.37 -8.34
C ALA A 288 21.74 33.11 -9.06
N LEU A 289 22.03 34.31 -9.55
CA LEU A 289 21.03 35.11 -10.25
C LEU A 289 20.40 34.32 -11.39
N VAL A 290 21.22 33.90 -12.36
CA VAL A 290 20.70 33.18 -13.51
C VAL A 290 19.87 31.98 -13.07
N THR A 291 20.43 31.14 -12.19
CA THR A 291 19.74 29.89 -11.90
C THR A 291 18.37 30.19 -11.31
N SER A 292 18.30 31.10 -10.33
CA SER A 292 17.00 31.32 -9.69
C SER A 292 16.02 31.89 -10.71
N VAL A 293 16.45 32.87 -11.50
CA VAL A 293 15.54 33.55 -12.42
C VAL A 293 14.98 32.57 -13.45
N VAL A 294 15.81 31.61 -13.90
CA VAL A 294 15.28 30.51 -14.70
C VAL A 294 14.27 29.67 -13.93
N ASN A 295 14.61 29.26 -12.71
CA ASN A 295 13.68 28.48 -11.89
C ASN A 295 12.28 29.12 -11.77
N CYS A 296 12.24 30.44 -11.55
CA CYS A 296 10.98 31.19 -11.60
C CYS A 296 10.39 31.24 -13.00
N MET A 297 11.19 31.52 -14.03
CA MET A 297 10.59 31.66 -15.35
C MET A 297 9.95 30.34 -15.76
N THR A 298 10.64 29.24 -15.43
CA THR A 298 10.20 27.90 -15.77
C THR A 298 8.87 27.63 -15.09
N SER A 299 8.75 28.01 -13.81
CA SER A 299 7.44 27.95 -13.17
C SER A 299 6.40 28.76 -13.95
N PHE A 300 6.79 29.96 -14.40
CA PHE A 300 5.86 30.85 -15.08
C PHE A 300 5.31 30.24 -16.36
N VAL A 301 6.18 29.65 -17.18
CA VAL A 301 5.70 29.04 -18.42
C VAL A 301 4.99 27.73 -18.12
N SER A 302 5.42 27.02 -17.08
CA SER A 302 4.71 25.81 -16.65
C SER A 302 3.26 26.15 -16.32
N GLY A 303 3.03 27.32 -15.72
CA GLY A 303 1.68 27.77 -15.48
C GLY A 303 0.83 27.74 -16.74
N PHE A 304 1.37 28.25 -17.84
CA PHE A 304 0.66 28.20 -19.11
C PHE A 304 0.50 26.76 -19.58
N VAL A 305 1.57 25.96 -19.47
CA VAL A 305 1.51 24.56 -19.90
C VAL A 305 0.35 23.84 -19.21
N ILE A 306 0.12 24.14 -17.94
CA ILE A 306 -0.98 23.50 -17.21
C ILE A 306 -2.32 24.14 -17.55
N PHE A 307 -2.40 25.46 -17.50
CA PHE A 307 -3.69 26.13 -17.60
C PHE A 307 -4.24 26.17 -19.01
N THR A 308 -3.41 25.98 -20.03
CA THR A 308 -3.97 25.85 -21.38
C THR A 308 -4.73 24.54 -21.47
N VAL A 309 -4.15 23.47 -20.94
CA VAL A 309 -4.77 22.16 -20.97
C VAL A 309 -5.98 22.13 -20.05
N LEU A 310 -5.87 22.73 -18.87
CA LEU A 310 -6.99 22.80 -17.93
C LEU A 310 -8.08 23.73 -18.46
N GLY A 311 -7.69 24.74 -19.24
CA GLY A 311 -8.68 25.60 -19.87
C GLY A 311 -9.45 24.82 -20.90
N TYR A 312 -8.74 24.00 -21.69
CA TYR A 312 -9.40 23.12 -22.64
C TYR A 312 -10.30 22.14 -21.91
N MET A 313 -9.87 21.68 -20.74
CA MET A 313 -10.66 20.74 -19.95
C MET A 313 -11.92 21.41 -19.42
N ALA A 314 -11.82 22.69 -19.06
CA ALA A 314 -12.99 23.42 -18.59
C ALA A 314 -13.92 23.73 -19.75
N GLU A 315 -13.37 23.89 -20.96
CA GLU A 315 -14.19 24.13 -22.14
C GLU A 315 -14.95 22.85 -22.50
N MET A 316 -14.26 21.71 -22.45
CA MET A 316 -14.90 20.42 -22.73
C MET A 316 -15.96 20.12 -21.70
N ARG A 317 -15.68 20.42 -20.43
CA ARG A 317 -16.68 20.37 -19.37
C ARG A 317 -17.38 21.72 -19.38
N ASN A 318 -17.77 22.27 -18.24
CA ASN A 318 -18.44 23.57 -18.22
C ASN A 318 -17.77 24.59 -17.28
N GLU A 319 -16.60 25.08 -17.69
CA GLU A 319 -16.05 26.33 -17.18
C GLU A 319 -15.72 26.32 -15.69
N ASP A 320 -15.43 27.50 -15.15
CA ASP A 320 -14.93 27.69 -13.80
C ASP A 320 -13.74 26.78 -13.54
N VAL A 321 -12.57 27.19 -14.05
CA VAL A 321 -11.38 26.35 -13.98
C VAL A 321 -11.10 25.91 -12.55
N SER A 322 -11.56 26.69 -11.57
CA SER A 322 -11.44 26.26 -10.19
C SER A 322 -12.14 24.93 -9.95
N GLU A 323 -13.27 24.70 -10.63
CA GLU A 323 -13.98 23.44 -10.47
C GLU A 323 -13.16 22.26 -10.98
N VAL A 324 -12.49 22.44 -12.12
CA VAL A 324 -11.68 21.38 -12.69
C VAL A 324 -10.31 21.30 -12.05
N ALA A 325 -9.93 22.32 -11.29
CA ALA A 325 -8.65 22.40 -10.61
C ALA A 325 -8.86 22.51 -9.10
N LYS A 326 -9.89 21.82 -8.61
CA LYS A 326 -10.16 21.84 -7.17
C LYS A 326 -9.04 21.13 -6.41
N ASP A 327 -8.69 19.92 -6.82
CA ASP A 327 -7.67 19.15 -6.13
C ASP A 327 -6.31 19.76 -6.41
N ALA A 328 -5.58 20.12 -5.35
CA ALA A 328 -4.25 20.71 -5.44
C ALA A 328 -3.21 19.68 -5.02
N GLY A 329 -2.87 18.79 -5.95
CA GLY A 329 -1.90 17.77 -5.66
C GLY A 329 -1.47 17.03 -6.90
N PRO A 330 -0.90 15.84 -6.72
CA PRO A 330 -0.52 15.03 -7.89
C PRO A 330 -1.71 14.68 -8.76
N SER A 331 -2.91 14.71 -8.20
CA SER A 331 -4.12 14.40 -8.98
C SER A 331 -4.32 15.39 -10.10
N LEU A 332 -3.78 16.61 -9.97
CA LEU A 332 -3.90 17.58 -11.04
C LEU A 332 -3.12 17.11 -12.26
N LEU A 333 -2.07 16.32 -12.05
CA LEU A 333 -1.24 15.80 -13.13
C LEU A 333 -1.60 14.36 -13.48
N PHE A 334 -1.83 13.52 -12.48
CA PHE A 334 -2.04 12.10 -12.72
C PHE A 334 -3.48 11.79 -13.11
N ILE A 335 -4.43 12.68 -12.79
CA ILE A 335 -5.83 12.43 -13.11
C ILE A 335 -6.32 13.47 -14.11
N THR A 336 -6.40 14.74 -13.67
CA THR A 336 -6.95 15.79 -14.52
C THR A 336 -6.15 15.93 -15.81
N TYR A 337 -4.86 16.27 -15.69
CA TYR A 337 -4.04 16.47 -16.87
C TYR A 337 -3.94 15.20 -17.72
N ALA A 338 -3.83 14.04 -17.07
CA ALA A 338 -3.75 12.78 -17.79
C ALA A 338 -5.05 12.50 -18.55
N GLU A 339 -6.19 12.71 -17.89
CA GLU A 339 -7.48 12.51 -18.57
C GLU A 339 -7.63 13.47 -19.73
N ALA A 340 -7.07 14.67 -19.61
CA ALA A 340 -7.10 15.61 -20.73
C ALA A 340 -6.21 15.11 -21.86
N ILE A 341 -5.08 14.47 -21.53
CA ILE A 341 -4.18 13.95 -22.55
C ILE A 341 -4.83 12.79 -23.28
N ALA A 342 -5.56 11.94 -22.57
CA ALA A 342 -6.17 10.76 -23.19
C ALA A 342 -7.15 11.14 -24.30
N ASN A 343 -7.76 12.32 -24.21
CA ASN A 343 -8.76 12.76 -25.17
C ASN A 343 -8.16 13.60 -26.29
N MET A 344 -6.85 13.46 -26.55
CA MET A 344 -6.16 14.20 -27.59
C MET A 344 -5.51 13.25 -28.58
N PRO A 345 -5.34 13.68 -29.84
CA PRO A 345 -4.62 12.86 -30.82
C PRO A 345 -3.19 12.62 -30.39
N ALA A 346 -2.65 11.47 -30.79
CA ALA A 346 -1.33 11.01 -30.37
C ALA A 346 -1.21 11.00 -28.85
N SER A 347 -2.26 10.47 -28.21
CA SER A 347 -2.32 10.44 -26.75
C SER A 347 -1.16 9.66 -26.16
N THR A 348 -0.78 8.55 -26.80
CA THR A 348 0.36 7.77 -26.34
C THR A 348 1.62 8.64 -26.27
N PHE A 349 1.86 9.42 -27.33
CA PHE A 349 3.01 10.32 -27.38
C PHE A 349 2.98 11.31 -26.21
N PHE A 350 1.92 12.11 -26.12
CA PHE A 350 1.83 13.14 -25.08
C PHE A 350 1.76 12.55 -23.68
N ALA A 351 1.49 11.25 -23.56
CA ALA A 351 1.54 10.60 -22.24
C ALA A 351 2.96 10.19 -21.92
N ILE A 352 3.64 9.56 -22.88
CA ILE A 352 5.03 9.12 -22.68
C ILE A 352 5.91 10.32 -22.34
N ILE A 353 5.82 11.39 -23.14
CA ILE A 353 6.70 12.53 -22.91
C ILE A 353 6.32 13.25 -21.61
N PHE A 354 5.07 13.12 -21.17
CA PHE A 354 4.63 13.77 -19.95
C PHE A 354 5.20 13.05 -18.74
N PHE A 355 4.99 11.74 -18.66
CA PHE A 355 5.51 10.98 -17.52
C PHE A 355 7.03 10.96 -17.52
N LEU A 356 7.63 10.85 -18.71
CA LEU A 356 9.07 10.96 -18.82
C LEU A 356 9.54 12.32 -18.34
N MET A 357 8.76 13.37 -18.65
CA MET A 357 9.08 14.70 -18.16
C MET A 357 9.08 14.73 -16.65
N LEU A 358 8.04 14.16 -16.03
CA LEU A 358 7.97 14.08 -14.57
C LEU A 358 9.20 13.38 -13.98
N ILE A 359 9.53 12.20 -14.51
CA ILE A 359 10.69 11.45 -14.04
C ILE A 359 11.98 12.27 -14.17
N THR A 360 12.19 12.92 -15.33
CA THR A 360 13.40 13.72 -15.48
C THR A 360 13.36 15.00 -14.66
N LEU A 361 12.17 15.45 -14.26
CA LEU A 361 12.02 16.57 -13.35
C LEU A 361 12.46 16.21 -11.95
N GLY A 362 12.15 14.99 -11.52
CA GLY A 362 12.46 14.48 -10.20
C GLY A 362 13.90 14.03 -10.05
N LEU A 363 14.45 13.43 -11.11
CA LEU A 363 15.74 12.77 -10.99
C LEU A 363 16.83 13.75 -10.61
N ASP A 364 16.89 14.92 -11.26
CA ASP A 364 18.01 15.82 -11.03
C ASP A 364 18.01 16.29 -9.58
N SER A 365 16.81 16.58 -9.05
CA SER A 365 16.66 17.01 -7.67
C SER A 365 16.99 15.89 -6.70
N SER A 366 16.84 14.62 -7.12
CA SER A 366 17.20 13.58 -6.18
C SER A 366 18.70 13.29 -6.27
N PHE A 367 19.28 13.57 -7.44
CA PHE A 367 20.72 13.47 -7.61
C PHE A 367 21.37 14.42 -6.63
N ALA A 368 20.99 15.70 -6.70
CA ALA A 368 21.58 16.69 -5.82
C ALA A 368 21.19 16.40 -4.37
N GLY A 369 19.91 16.12 -4.13
CA GLY A 369 19.39 15.81 -2.81
C GLY A 369 20.29 14.85 -2.06
N LEU A 370 20.75 13.80 -2.72
CA LEU A 370 21.67 12.83 -2.14
C LEU A 370 23.10 13.36 -2.17
N GLU A 371 23.41 14.05 -3.23
CA GLU A 371 24.78 14.51 -3.49
C GLU A 371 25.31 15.37 -2.35
N GLY A 372 24.45 16.24 -1.82
CA GLY A 372 24.84 17.09 -0.71
C GLY A 372 25.20 16.32 0.54
N VAL A 373 24.39 15.34 0.87
CA VAL A 373 24.59 14.52 2.07
C VAL A 373 25.85 13.66 1.90
N ILE A 374 25.98 13.04 0.74
CA ILE A 374 27.14 12.19 0.44
C ILE A 374 28.43 13.01 0.53
N THR A 375 28.41 14.19 -0.08
CA THR A 375 29.55 15.10 -0.03
C THR A 375 29.86 15.48 1.41
N ALA A 376 28.87 15.83 2.19
CA ALA A 376 29.20 16.22 3.54
C ALA A 376 29.79 15.08 4.33
N VAL A 377 29.20 13.92 4.23
CA VAL A 377 29.59 12.81 5.09
C VAL A 377 31.03 12.37 4.81
N LEU A 378 31.36 12.34 3.54
CA LEU A 378 32.69 12.04 3.04
C LEU A 378 33.70 13.10 3.46
N ASP A 379 33.24 14.35 3.55
CA ASP A 379 34.11 15.44 3.98
C ASP A 379 34.27 15.48 5.49
N GLU A 380 33.31 14.94 6.21
CA GLU A 380 33.37 14.88 7.66
C GLU A 380 34.16 13.69 8.17
N PHE A 381 34.02 12.62 7.39
CA PHE A 381 34.79 11.44 7.75
C PHE A 381 35.74 11.08 6.60
N PRO A 382 36.72 11.92 6.33
CA PRO A 382 37.52 11.70 5.12
C PRO A 382 38.47 10.56 5.31
N HIS A 383 38.34 9.55 4.47
CA HIS A 383 39.38 8.59 4.23
C HIS A 383 39.58 7.67 5.42
N VAL A 384 38.75 7.88 6.42
CA VAL A 384 37.89 6.93 7.04
C VAL A 384 36.89 6.55 5.97
N TRP A 385 36.50 7.53 5.17
CA TRP A 385 35.52 7.36 4.10
C TRP A 385 36.11 7.80 2.79
N ALA A 386 35.45 7.47 1.70
CA ALA A 386 36.00 7.87 0.41
C ALA A 386 36.97 6.81 -0.07
N LYS A 387 37.05 5.71 0.64
CA LYS A 387 37.90 4.62 0.22
C LYS A 387 37.37 4.20 -1.13
N ARG A 388 36.03 4.04 -1.31
CA ARG A 388 35.31 3.88 -2.56
C ARG A 388 34.02 4.67 -2.41
N ARG A 389 33.64 5.40 -3.48
CA ARG A 389 32.44 6.23 -3.40
C ARG A 389 31.17 5.40 -3.66
N GLU A 390 31.29 4.50 -4.63
CA GLU A 390 30.16 3.66 -4.98
C GLU A 390 29.64 2.91 -3.77
N ARG A 391 30.53 2.52 -2.86
CA ARG A 391 30.11 1.81 -1.66
C ARG A 391 29.21 2.67 -0.79
N PHE A 392 29.63 3.90 -0.50
CA PHE A 392 28.81 4.77 0.34
C PHE A 392 27.51 5.16 -0.35
N VAL A 393 27.59 5.53 -1.64
CA VAL A 393 26.38 5.91 -2.37
C VAL A 393 25.39 4.75 -2.40
N LEU A 394 25.89 3.54 -2.61
CA LEU A 394 25.02 2.36 -2.57
C LEU A 394 24.41 2.18 -1.18
N ALA A 395 25.23 2.33 -0.14
CA ALA A 395 24.75 2.19 1.23
C ALA A 395 23.69 3.22 1.57
N VAL A 396 23.70 4.37 0.88
CA VAL A 396 22.67 5.38 1.09
C VAL A 396 21.41 5.02 0.30
N VAL A 397 21.58 4.68 -0.97
CA VAL A 397 20.44 4.37 -1.83
C VAL A 397 19.62 3.21 -1.27
N ILE A 398 20.29 2.15 -0.83
CA ILE A 398 19.58 1.00 -0.27
C ILE A 398 18.81 1.40 0.99
N THR A 399 19.44 2.19 1.86
CA THR A 399 18.77 2.66 3.07
C THR A 399 17.53 3.47 2.72
N CYS A 400 17.62 4.31 1.69
CA CYS A 400 16.44 5.07 1.25
C CYS A 400 15.37 4.14 0.70
N PHE A 401 15.77 3.04 0.05
CA PHE A 401 14.79 2.10 -0.47
C PHE A 401 14.02 1.46 0.68
N PHE A 402 14.73 0.97 1.70
CA PHE A 402 14.05 0.41 2.86
C PHE A 402 13.27 1.48 3.60
N GLY A 403 13.70 2.73 3.50
CA GLY A 403 12.99 3.84 4.13
C GLY A 403 11.76 4.28 3.37
N SER A 404 11.61 3.79 2.14
CA SER A 404 10.47 4.14 1.28
C SER A 404 9.42 3.05 1.28
N LEU A 405 9.66 1.94 1.98
CA LEU A 405 8.69 0.86 1.99
C LEU A 405 7.42 1.28 2.71
N VAL A 406 7.53 2.24 3.63
CA VAL A 406 6.34 2.75 4.32
C VAL A 406 5.49 3.53 3.33
N THR A 407 6.13 4.13 2.33
CA THR A 407 5.44 4.94 1.34
C THR A 407 4.92 4.10 0.19
N LEU A 408 5.48 2.91 -0.03
CA LEU A 408 5.06 2.03 -1.10
C LEU A 408 3.82 1.23 -0.72
N THR A 409 3.29 1.43 0.47
CA THR A 409 2.09 0.73 0.92
C THR A 409 0.86 1.24 0.18
N PHE A 410 -0.27 0.59 0.43
CA PHE A 410 -1.52 0.99 -0.22
C PHE A 410 -1.93 2.38 0.24
N GLY A 411 -1.74 2.69 1.53
CA GLY A 411 -2.02 4.00 2.06
C GLY A 411 -0.77 4.84 2.12
N GLY A 412 0.01 4.82 1.04
CA GLY A 412 1.28 5.53 1.01
C GLY A 412 1.13 7.02 0.80
N ALA A 413 0.16 7.44 -0.02
CA ALA A 413 -0.01 8.86 -0.30
C ALA A 413 -0.29 9.65 0.98
N TYR A 414 -1.04 9.05 1.91
CA TYR A 414 -1.29 9.68 3.19
C TYR A 414 0.00 10.01 3.91
N VAL A 415 0.92 9.04 3.95
CA VAL A 415 2.23 9.25 4.56
C VAL A 415 3.00 10.31 3.81
N VAL A 416 2.86 10.38 2.49
CA VAL A 416 3.53 11.41 1.71
C VAL A 416 3.10 12.80 2.16
N LYS A 417 1.78 13.01 2.21
CA LYS A 417 1.27 14.30 2.70
C LYS A 417 1.77 14.59 4.10
N LEU A 418 1.62 13.62 5.01
CA LEU A 418 1.99 13.83 6.41
C LEU A 418 3.46 14.22 6.56
N LEU A 419 4.35 13.48 5.89
CA LEU A 419 5.79 13.75 6.02
C LEU A 419 6.18 15.02 5.30
N GLU A 420 5.53 15.33 4.17
CA GLU A 420 5.92 16.48 3.38
C GLU A 420 5.44 17.78 4.00
N GLU A 421 4.32 17.74 4.74
CA GLU A 421 3.73 18.97 5.25
C GLU A 421 3.86 19.15 6.76
N TYR A 422 3.81 18.06 7.54
CA TYR A 422 3.87 18.17 8.99
C TYR A 422 5.25 17.85 9.56
N ALA A 423 6.10 17.16 8.80
CA ALA A 423 7.38 16.70 9.30
C ALA A 423 8.54 17.45 8.68
N THR A 424 8.85 17.12 7.42
CA THR A 424 10.04 17.64 6.76
C THR A 424 10.02 19.16 6.66
N GLY A 425 8.91 19.73 6.20
CA GLY A 425 8.81 21.16 5.97
C GLY A 425 9.29 22.03 7.13
N PRO A 426 8.60 21.97 8.28
CA PRO A 426 9.00 22.84 9.40
C PRO A 426 10.41 22.58 9.89
N ALA A 427 10.93 21.37 9.68
CA ALA A 427 12.29 21.07 10.10
C ALA A 427 13.31 21.68 9.15
N VAL A 428 13.06 21.62 7.84
CA VAL A 428 13.97 22.25 6.89
C VAL A 428 13.95 23.77 7.07
N LEU A 429 12.76 24.36 7.25
CA LEU A 429 12.71 25.79 7.55
C LEU A 429 13.43 26.10 8.85
N THR A 430 13.28 25.24 9.85
CA THR A 430 13.92 25.47 11.14
C THR A 430 15.45 25.46 10.99
N VAL A 431 16.00 24.40 10.40
CA VAL A 431 17.45 24.32 10.27
C VAL A 431 17.97 25.39 9.32
N ALA A 432 17.16 25.79 8.34
CA ALA A 432 17.54 26.90 7.46
C ALA A 432 17.62 28.20 8.26
N LEU A 433 16.67 28.39 9.18
CA LEU A 433 16.70 29.55 10.06
C LEU A 433 17.94 29.51 10.94
N ILE A 434 18.28 28.33 11.44
CA ILE A 434 19.46 28.19 12.29
C ILE A 434 20.71 28.57 11.51
N GLU A 435 20.80 28.12 10.25
CA GLU A 435 21.94 28.48 9.42
C GLU A 435 21.98 29.98 9.15
N ALA A 436 20.83 30.54 8.77
CA ALA A 436 20.76 31.98 8.48
C ALA A 436 21.18 32.80 9.69
N VAL A 437 20.83 32.34 10.89
CA VAL A 437 21.22 33.05 12.09
C VAL A 437 22.72 32.85 12.38
N ALA A 438 23.21 31.63 12.19
CA ALA A 438 24.60 31.33 12.53
C ALA A 438 25.56 32.09 11.63
N VAL A 439 25.33 32.07 10.32
CA VAL A 439 26.26 32.72 9.39
C VAL A 439 26.22 34.23 9.56
N SER A 440 25.05 34.79 9.86
CA SER A 440 24.92 36.25 9.90
C SER A 440 25.28 36.85 11.25
N TRP A 441 24.97 36.14 12.34
CA TRP A 441 25.09 36.69 13.68
C TRP A 441 26.19 36.05 14.52
N PHE A 442 26.78 34.94 14.05
CA PHE A 442 27.87 34.28 14.77
C PHE A 442 29.18 34.42 14.00
N TYR A 443 29.20 33.95 12.75
CA TYR A 443 30.41 34.07 11.94
C TYR A 443 30.68 35.52 11.60
N GLY A 444 29.62 36.32 11.52
CA GLY A 444 29.74 37.73 11.19
C GLY A 444 29.47 38.02 9.72
N ILE A 445 28.57 38.97 9.47
CA ILE A 445 28.23 39.29 8.09
C ILE A 445 29.34 40.09 7.45
N THR A 446 30.08 40.86 8.25
CA THR A 446 31.18 41.65 7.73
C THR A 446 32.29 40.75 7.19
N GLN A 447 32.63 39.71 7.95
CA GLN A 447 33.65 38.77 7.49
C GLN A 447 33.17 38.01 6.27
N PHE A 448 31.86 37.75 6.18
CA PHE A 448 31.29 37.10 5.01
C PHE A 448 31.46 37.98 3.78
N CYS A 449 31.14 39.27 3.93
CA CYS A 449 31.33 40.22 2.84
C CYS A 449 32.81 40.35 2.49
N ARG A 450 33.68 40.09 3.46
CA ARG A 450 35.11 40.13 3.19
C ARG A 450 35.53 38.90 2.40
N ASP A 451 34.92 37.75 2.70
CA ASP A 451 35.21 36.53 1.95
C ASP A 451 34.73 36.65 0.51
N VAL A 452 33.53 37.21 0.32
CA VAL A 452 33.04 37.48 -1.02
C VAL A 452 33.96 38.48 -1.70
N LYS A 453 34.48 39.45 -0.93
CA LYS A 453 35.42 40.41 -1.46
C LYS A 453 36.72 39.74 -1.88
N GLU A 454 37.05 38.60 -1.26
CA GLU A 454 38.24 37.84 -1.64
C GLU A 454 38.01 37.02 -2.89
N MET A 455 36.86 36.34 -2.99
CA MET A 455 36.61 35.50 -4.16
C MET A 455 36.35 36.35 -5.40
N LEU A 456 35.33 37.20 -5.35
CA LEU A 456 34.92 38.00 -6.50
C LEU A 456 35.79 39.23 -6.72
N GLY A 457 36.61 39.62 -5.74
CA GLY A 457 37.45 40.79 -5.88
C GLY A 457 36.83 42.08 -5.38
N PHE A 458 35.54 42.07 -5.05
CA PHE A 458 34.85 43.25 -4.57
C PHE A 458 33.86 42.83 -3.49
N SER A 459 33.67 43.71 -2.51
CA SER A 459 32.73 43.44 -1.43
C SER A 459 31.29 43.52 -1.94
N PRO A 460 30.41 42.62 -1.50
CA PRO A 460 29.01 42.67 -1.95
C PRO A 460 28.33 43.97 -1.52
N GLY A 461 27.37 44.39 -2.33
CA GLY A 461 26.69 45.64 -2.10
C GLY A 461 25.91 45.67 -0.79
N TRP A 462 25.51 46.88 -0.41
CA TRP A 462 24.72 47.07 0.80
C TRP A 462 23.35 46.43 0.68
N PHE A 463 22.83 46.34 -0.54
CA PHE A 463 21.52 45.73 -0.77
C PHE A 463 21.50 44.28 -0.31
N TRP A 464 22.62 43.57 -0.49
CA TRP A 464 22.67 42.16 -0.10
C TRP A 464 23.06 42.02 1.36
N ARG A 465 23.93 42.89 1.85
CA ARG A 465 24.32 42.84 3.26
C ARG A 465 23.10 43.08 4.15
N ILE A 466 22.32 44.11 3.84
CA ILE A 466 21.14 44.40 4.64
C ILE A 466 20.12 43.29 4.52
N CYS A 467 20.20 42.47 3.47
CA CYS A 467 19.30 41.33 3.33
C CYS A 467 19.75 40.18 4.22
N TRP A 468 21.05 39.87 4.21
CA TRP A 468 21.55 38.78 5.04
C TRP A 468 21.44 39.13 6.52
N VAL A 469 21.63 40.40 6.88
CA VAL A 469 21.63 40.77 8.29
C VAL A 469 20.23 40.63 8.89
N ALA A 470 19.23 41.19 8.22
CA ALA A 470 17.89 41.29 8.80
C ALA A 470 16.79 40.67 7.95
N ILE A 471 16.82 40.88 6.63
CA ILE A 471 15.67 40.53 5.80
C ILE A 471 15.48 39.02 5.73
N SER A 472 16.57 38.27 5.54
CA SER A 472 16.44 36.82 5.37
C SER A 472 16.04 36.10 6.66
N PRO A 473 16.68 36.35 7.81
CA PRO A 473 16.23 35.64 9.03
C PRO A 473 14.78 35.95 9.39
N LEU A 474 14.34 37.19 9.18
CA LEU A 474 12.93 37.50 9.41
C LEU A 474 12.06 36.86 8.34
N PHE A 475 12.61 36.67 7.14
CA PHE A 475 11.89 36.02 6.06
C PHE A 475 11.57 34.57 6.41
N LEU A 476 12.54 33.85 6.97
CA LEU A 476 12.28 32.48 7.40
C LEU A 476 11.44 32.47 8.67
N LEU A 477 11.72 33.39 9.58
CA LEU A 477 11.01 33.45 10.85
C LEU A 477 9.52 33.65 10.64
N PHE A 478 9.15 34.47 9.65
CA PHE A 478 7.73 34.70 9.36
C PHE A 478 7.04 33.41 8.94
N ILE A 479 7.68 32.63 8.07
CA ILE A 479 7.05 31.39 7.60
C ILE A 479 6.93 30.37 8.73
N ILE A 480 8.03 30.16 9.47
CA ILE A 480 8.01 29.21 10.59
C ILE A 480 6.92 29.60 11.58
N ALA A 481 6.90 30.88 11.99
CA ALA A 481 5.90 31.35 12.93
C ALA A 481 4.49 31.18 12.39
N SER A 482 4.29 31.47 11.10
CA SER A 482 2.98 31.33 10.50
C SER A 482 2.49 29.90 10.53
N PHE A 483 3.38 28.94 10.25
CA PHE A 483 2.99 27.53 10.31
C PHE A 483 2.72 27.09 11.74
N LEU A 484 3.66 27.35 12.65
CA LEU A 484 3.52 26.89 14.02
C LEU A 484 2.29 27.49 14.69
N MET A 485 1.91 28.72 14.29
CA MET A 485 0.75 29.36 14.88
C MET A 485 -0.56 28.74 14.40
N SER A 486 -0.58 28.19 13.19
CA SER A 486 -1.78 27.57 12.63
C SER A 486 -1.44 26.55 11.56
N PRO A 487 -1.12 25.31 11.92
CA PRO A 487 -0.87 24.26 10.93
C PRO A 487 -2.12 23.97 10.11
N PRO A 488 -1.98 23.86 8.80
CA PRO A 488 -3.15 23.64 7.93
C PRO A 488 -3.80 22.27 8.13
N GLN A 489 -5.13 22.27 8.06
CA GLN A 489 -5.91 21.04 8.16
C GLN A 489 -5.72 20.19 6.90
N LEU A 490 -5.15 18.99 7.07
CA LEU A 490 -4.79 18.16 5.92
C LEU A 490 -5.98 17.35 5.41
N ARG A 491 -6.11 17.27 4.09
CA ARG A 491 -7.16 16.50 3.43
C ARG A 491 -6.63 15.94 2.13
N LEU A 492 -6.95 14.67 1.85
CA LEU A 492 -6.50 14.01 0.63
C LEU A 492 -7.49 12.91 0.27
N PHE A 493 -8.06 13.00 -0.94
CA PHE A 493 -8.97 12.00 -1.49
C PHE A 493 -10.16 11.70 -0.59
N GLN A 494 -10.96 12.74 -0.32
CA GLN A 494 -12.17 12.61 0.49
C GLN A 494 -11.88 11.97 1.84
N TYR A 495 -10.70 12.24 2.41
CA TYR A 495 -10.29 11.67 3.69
C TYR A 495 -9.63 12.75 4.52
N ASN A 496 -10.27 13.13 5.63
CA ASN A 496 -9.73 14.13 6.54
C ASN A 496 -8.79 13.46 7.52
N TYR A 497 -7.62 14.06 7.71
CA TYR A 497 -6.61 13.48 8.59
C TYR A 497 -7.06 13.56 10.06
N PRO A 498 -6.72 12.53 10.85
CA PRO A 498 -7.04 12.57 12.28
C PRO A 498 -6.43 13.78 12.98
N TYR A 499 -7.00 14.11 14.13
CA TYR A 499 -6.54 15.28 14.87
C TYR A 499 -5.13 15.11 15.41
N TRP A 500 -4.67 13.87 15.58
CA TRP A 500 -3.35 13.60 16.13
C TRP A 500 -2.24 13.56 15.08
N SER A 501 -2.57 13.83 13.82
CA SER A 501 -1.55 13.78 12.76
C SER A 501 -0.44 14.79 13.05
N ILE A 502 -0.82 15.96 13.57
CA ILE A 502 0.18 17.00 13.85
C ILE A 502 1.11 16.52 14.94
N ILE A 503 0.61 15.66 15.84
CA ILE A 503 1.46 15.16 16.91
C ILE A 503 2.51 14.22 16.33
N LEU A 504 2.12 13.41 15.35
CA LEU A 504 3.06 12.49 14.72
C LEU A 504 4.08 13.25 13.87
N GLY A 505 3.60 14.20 13.06
CA GLY A 505 4.50 15.00 12.26
C GLY A 505 5.52 15.74 13.09
N TYR A 506 5.06 16.39 14.16
CA TYR A 506 6.02 17.09 15.02
C TYR A 506 6.95 16.11 15.67
N ALA A 507 6.46 14.90 15.94
CA ALA A 507 7.32 13.90 16.55
C ALA A 507 8.42 13.54 15.58
N ILE A 508 8.06 13.35 14.31
CA ILE A 508 9.08 13.07 13.31
C ILE A 508 9.94 14.30 13.09
N GLY A 509 9.33 15.50 13.13
CA GLY A 509 10.11 16.71 12.89
C GLY A 509 11.15 16.97 13.96
N THR A 510 10.75 16.89 15.23
CA THR A 510 11.71 17.18 16.29
C THR A 510 12.78 16.11 16.35
N SER A 511 12.41 14.86 16.03
CA SER A 511 13.37 13.78 16.09
C SER A 511 14.44 13.95 15.03
N SER A 512 14.23 14.89 14.11
CA SER A 512 15.23 15.11 13.08
C SER A 512 16.36 15.98 13.63
N PHE A 513 16.04 17.05 14.36
CA PHE A 513 17.08 17.93 14.88
C PHE A 513 17.30 17.75 16.37
N ILE A 514 17.18 16.51 16.86
CA ILE A 514 17.51 16.26 18.26
C ILE A 514 19.00 16.30 18.42
N CYS A 515 19.68 16.27 17.29
CA CYS A 515 21.13 16.19 17.23
C CYS A 515 21.73 17.58 17.41
N ILE A 516 21.03 18.64 16.98
CA ILE A 516 21.70 19.94 17.08
C ILE A 516 21.84 20.43 18.52
N PRO A 517 20.82 20.36 19.40
CA PRO A 517 21.05 20.88 20.75
C PRO A 517 21.90 19.94 21.59
N THR A 518 21.78 18.62 21.34
CA THR A 518 22.56 17.65 22.09
C THR A 518 24.02 17.68 21.69
N TYR A 519 24.31 18.17 20.49
CA TYR A 519 25.69 18.32 20.09
C TYR A 519 26.24 19.60 20.70
N ILE A 520 25.40 20.64 20.78
CA ILE A 520 25.78 21.86 21.49
C ILE A 520 26.11 21.52 22.93
N ALA A 521 25.27 20.69 23.55
CA ALA A 521 25.54 20.26 24.92
C ALA A 521 26.78 19.38 24.94
N TYR A 522 27.04 18.63 23.87
CA TYR A 522 28.23 17.79 23.81
C TYR A 522 29.50 18.61 23.87
N ARG A 523 29.62 19.60 22.98
CA ARG A 523 30.82 20.43 22.99
C ARG A 523 30.89 21.27 24.25
N LEU A 524 29.74 21.68 24.77
CA LEU A 524 29.71 22.48 25.98
C LEU A 524 30.14 21.64 27.16
N ILE A 525 30.00 20.31 27.04
CA ILE A 525 30.40 19.38 28.10
C ILE A 525 31.80 18.85 27.84
N ILE A 526 32.36 19.06 26.64
CA ILE A 526 33.66 18.51 26.30
C ILE A 526 34.78 19.52 26.57
N THR A 527 34.58 20.79 26.23
CA THR A 527 35.64 21.78 26.38
C THR A 527 35.87 22.14 27.84
N PRO A 528 37.08 21.92 28.38
CA PRO A 528 37.37 22.25 29.79
C PRO A 528 37.32 23.73 30.09
N GLY A 529 37.55 24.09 31.36
CA GLY A 529 37.54 25.48 31.76
C GLY A 529 36.15 26.05 31.96
N THR A 530 36.10 27.38 32.00
CA THR A 530 34.85 28.09 32.18
C THR A 530 33.95 27.98 30.95
N PHE A 531 32.66 28.19 31.16
CA PHE A 531 31.69 28.13 30.07
C PHE A 531 31.93 29.24 29.05
N LYS A 532 32.53 30.35 29.48
CA LYS A 532 32.82 31.43 28.54
C LYS A 532 33.97 31.02 27.62
N GLU A 533 34.94 30.27 28.15
CA GLU A 533 36.03 29.80 27.31
C GLU A 533 35.57 28.68 26.39
N ARG A 534 34.64 27.84 26.86
CA ARG A 534 34.10 26.79 26.00
C ARG A 534 33.24 27.36 24.88
N ILE A 535 32.41 28.36 25.20
CA ILE A 535 31.60 29.00 24.18
C ILE A 535 32.46 29.90 23.30
N ILE A 536 33.65 30.25 23.78
CA ILE A 536 34.58 31.05 22.99
C ILE A 536 35.30 30.15 22.00
N LYS A 537 35.65 28.93 22.42
CA LYS A 537 36.22 27.96 21.50
C LYS A 537 35.15 27.34 20.62
N SER A 538 33.87 27.58 20.94
CA SER A 538 32.77 27.07 20.15
C SER A 538 32.22 28.10 19.18
N ILE A 539 32.46 29.37 19.45
CA ILE A 539 32.00 30.44 18.56
C ILE A 539 33.09 30.84 17.58
N THR A 540 34.32 30.92 18.05
CA THR A 540 35.46 31.25 17.21
C THR A 540 35.87 30.05 16.37
N PRO A 541 36.12 30.23 15.07
CA PRO A 541 36.52 29.11 14.22
C PRO A 541 37.79 28.44 14.72
N GLU A 542 38.02 27.21 14.23
CA GLU A 542 39.19 26.45 14.62
C GLU A 542 40.47 27.21 14.29
N THR A 543 41.40 27.25 15.25
CA THR A 543 42.64 27.98 15.09
C THR A 543 43.50 27.39 13.97
N GLU B 1 -19.17 -0.53 -2.18
CA GLU B 1 -19.21 -1.05 -0.81
C GLU B 1 -20.51 -1.80 -0.57
N VAL B 2 -20.97 -2.51 -1.58
CA VAL B 2 -22.11 -3.40 -1.45
C VAL B 2 -21.80 -4.53 -0.47
N GLN B 3 -22.42 -4.51 0.71
CA GLN B 3 -22.19 -5.51 1.73
C GLN B 3 -23.52 -6.13 2.14
N LEU B 4 -23.54 -7.45 2.27
CA LEU B 4 -24.71 -8.20 2.73
C LEU B 4 -24.28 -8.97 3.98
N GLN B 5 -24.68 -8.50 5.16
CA GLN B 5 -24.28 -9.10 6.42
C GLN B 5 -25.44 -9.93 6.96
N GLN B 6 -25.22 -11.24 7.07
CA GLN B 6 -26.24 -12.16 7.57
C GLN B 6 -26.10 -12.34 9.08
N SER B 7 -26.92 -13.20 9.65
CA SER B 7 -26.85 -13.50 11.07
C SER B 7 -25.83 -14.62 11.32
N GLY B 8 -25.54 -14.84 12.60
CA GLY B 8 -24.60 -15.86 12.99
C GLY B 8 -25.13 -17.27 12.88
N PRO B 9 -24.34 -18.23 13.35
CA PRO B 9 -24.77 -19.64 13.30
C PRO B 9 -25.94 -19.89 14.22
N GLU B 10 -26.74 -20.90 13.88
CA GLU B 10 -27.91 -21.27 14.65
C GLU B 10 -27.93 -22.77 14.90
N LEU B 11 -28.09 -23.16 16.15
CA LEU B 11 -28.23 -24.55 16.57
C LEU B 11 -29.65 -24.73 17.11
N VAL B 12 -30.45 -25.51 16.40
CA VAL B 12 -31.86 -25.68 16.77
C VAL B 12 -32.23 -27.15 16.74
N LYS B 13 -33.13 -27.52 17.65
CA LYS B 13 -33.61 -28.89 17.71
C LYS B 13 -34.55 -29.19 16.53
N PRO B 14 -34.53 -30.40 16.01
CA PRO B 14 -35.43 -30.76 14.92
C PRO B 14 -36.89 -30.51 15.29
N GLY B 15 -37.64 -29.98 14.34
CA GLY B 15 -39.04 -29.66 14.52
C GLY B 15 -39.30 -28.22 14.86
N ALA B 16 -38.27 -27.48 15.27
CA ALA B 16 -38.40 -26.07 15.61
C ALA B 16 -38.26 -25.22 14.34
N SER B 17 -38.15 -23.91 14.53
CA SER B 17 -38.00 -22.96 13.43
C SER B 17 -36.77 -22.09 13.66
N VAL B 18 -36.29 -21.48 12.58
CA VAL B 18 -35.12 -20.61 12.67
C VAL B 18 -35.28 -19.49 11.64
N LYS B 19 -34.92 -18.27 12.03
CA LYS B 19 -35.00 -17.10 11.17
C LYS B 19 -33.59 -16.54 10.94
N ILE B 20 -33.27 -16.26 9.68
CA ILE B 20 -31.98 -15.71 9.29
C ILE B 20 -32.19 -14.32 8.69
N SER B 21 -31.37 -13.37 9.09
CA SER B 21 -31.45 -11.99 8.62
C SER B 21 -30.45 -11.74 7.49
N CYS B 22 -30.53 -10.53 6.92
CA CYS B 22 -29.69 -10.16 5.79
C CYS B 22 -29.73 -8.63 5.65
N LYS B 23 -28.78 -7.96 6.28
CA LYS B 23 -28.68 -6.51 6.24
C LYS B 23 -27.90 -6.09 5.00
N ALA B 24 -28.53 -5.27 4.16
CA ALA B 24 -27.93 -4.85 2.90
C ALA B 24 -27.44 -3.41 3.00
N SER B 25 -26.34 -3.13 2.32
CA SER B 25 -25.80 -1.78 2.26
C SER B 25 -24.97 -1.62 1.00
N GLY B 26 -24.77 -0.36 0.60
CA GLY B 26 -23.93 -0.05 -0.54
C GLY B 26 -24.64 0.06 -1.86
N TYR B 27 -25.97 -0.06 -1.88
CA TYR B 27 -26.74 0.05 -3.11
C TYR B 27 -28.17 0.43 -2.75
N THR B 28 -28.93 0.81 -3.78
CA THR B 28 -30.34 1.13 -3.61
C THR B 28 -31.10 -0.16 -3.31
N PHE B 29 -31.53 -0.33 -2.06
CA PHE B 29 -32.13 -1.58 -1.61
C PHE B 29 -33.41 -1.91 -2.37
N THR B 30 -34.13 -0.90 -2.85
CA THR B 30 -35.40 -1.09 -3.53
C THR B 30 -35.23 -1.36 -5.02
N ASP B 31 -33.99 -1.52 -5.49
CA ASP B 31 -33.70 -1.71 -6.91
C ASP B 31 -33.51 -3.17 -7.31
N TYR B 32 -33.11 -4.05 -6.39
CA TYR B 32 -32.76 -5.42 -6.76
C TYR B 32 -33.55 -6.47 -5.98
N TYR B 33 -33.83 -7.58 -6.68
CA TYR B 33 -34.39 -8.76 -6.05
C TYR B 33 -33.43 -9.32 -5.00
N MET B 34 -33.99 -9.76 -3.86
CA MET B 34 -33.21 -10.41 -2.82
C MET B 34 -33.47 -11.92 -2.85
N ASN B 35 -32.41 -12.70 -2.96
CA ASN B 35 -32.50 -14.15 -3.11
C ASN B 35 -31.90 -14.88 -1.91
N TRP B 36 -32.22 -16.17 -1.83
CA TRP B 36 -31.66 -17.04 -0.80
C TRP B 36 -31.25 -18.36 -1.41
N VAL B 37 -29.97 -18.72 -1.29
CA VAL B 37 -29.41 -19.93 -1.87
C VAL B 37 -28.97 -20.86 -0.75
N LYS B 38 -29.42 -22.11 -0.80
CA LYS B 38 -29.08 -23.14 0.16
C LYS B 38 -27.92 -23.98 -0.38
N GLN B 39 -26.88 -24.16 0.42
CA GLN B 39 -25.73 -24.97 0.05
C GLN B 39 -25.49 -26.02 1.13
N SER B 40 -25.69 -27.29 0.79
CA SER B 40 -25.47 -28.38 1.72
C SER B 40 -23.98 -28.69 1.83
N HIS B 41 -23.62 -29.42 2.89
CA HIS B 41 -22.24 -29.77 3.14
C HIS B 41 -21.74 -30.71 2.05
N GLY B 42 -20.86 -30.21 1.19
CA GLY B 42 -20.30 -31.01 0.13
C GLY B 42 -21.17 -31.11 -1.11
N LYS B 43 -22.31 -30.44 -1.12
CA LYS B 43 -23.23 -30.47 -2.25
C LYS B 43 -23.13 -29.17 -3.04
N SER B 44 -24.02 -29.01 -4.01
CA SER B 44 -24.02 -27.86 -4.90
C SER B 44 -24.98 -26.79 -4.36
N LEU B 45 -25.04 -25.66 -5.06
CA LEU B 45 -25.92 -24.56 -4.68
C LEU B 45 -27.34 -24.90 -5.07
N GLU B 46 -28.30 -24.34 -4.33
CA GLU B 46 -29.71 -24.67 -4.54
C GLU B 46 -30.54 -23.42 -4.27
N TRP B 47 -31.03 -22.81 -5.34
CA TRP B 47 -31.79 -21.57 -5.26
C TRP B 47 -33.12 -21.78 -4.57
N ILE B 48 -33.33 -21.09 -3.45
CA ILE B 48 -34.56 -21.24 -2.68
C ILE B 48 -35.66 -20.36 -3.24
N GLY B 49 -35.40 -19.07 -3.38
CA GLY B 49 -36.40 -18.14 -3.87
C GLY B 49 -35.96 -16.71 -3.69
N ASN B 50 -36.67 -15.82 -4.37
CA ASN B 50 -36.38 -14.39 -4.31
C ASN B 50 -37.57 -13.64 -3.70
N ILE B 51 -37.38 -12.34 -3.54
CA ILE B 51 -38.41 -11.45 -3.00
C ILE B 51 -38.16 -10.05 -3.53
N ASN B 52 -39.26 -9.40 -3.97
CA ASN B 52 -39.23 -8.03 -4.43
C ASN B 52 -39.35 -7.09 -3.23
N PRO B 53 -38.31 -6.30 -2.91
CA PRO B 53 -38.36 -5.42 -1.73
C PRO B 53 -39.42 -4.34 -1.81
N ASN B 54 -39.88 -3.97 -3.01
CA ASN B 54 -40.82 -2.87 -3.16
C ASN B 54 -42.19 -3.23 -2.59
N ASN B 55 -42.61 -4.48 -2.76
CA ASN B 55 -43.92 -4.92 -2.31
C ASN B 55 -43.86 -6.27 -1.63
N GLY B 56 -42.68 -6.85 -1.51
CA GLY B 56 -42.56 -8.18 -0.94
C GLY B 56 -42.93 -9.24 -1.96
N GLY B 57 -42.59 -9.01 -3.22
CA GLY B 57 -42.98 -9.92 -4.28
C GLY B 57 -42.19 -11.21 -4.26
N THR B 58 -42.65 -12.20 -3.51
CA THR B 58 -41.90 -13.43 -3.34
C THR B 58 -42.04 -14.32 -4.57
N SER B 59 -41.01 -15.13 -4.79
CA SER B 59 -41.04 -16.13 -5.87
C SER B 59 -40.22 -17.33 -5.38
N TYR B 60 -40.91 -18.34 -4.88
CA TYR B 60 -40.27 -19.51 -4.30
C TYR B 60 -40.05 -20.59 -5.37
N ASN B 61 -39.27 -21.60 -4.99
CA ASN B 61 -39.04 -22.79 -5.81
C ASN B 61 -40.06 -23.87 -5.48
N GLN B 62 -40.39 -24.68 -6.49
CA GLN B 62 -41.35 -25.76 -6.27
C GLN B 62 -40.84 -26.75 -5.24
N LYS B 63 -39.52 -26.89 -5.13
CA LYS B 63 -38.90 -27.79 -4.18
C LYS B 63 -38.92 -27.23 -2.76
N PHE B 64 -39.12 -25.92 -2.61
CA PHE B 64 -39.13 -25.27 -1.31
C PHE B 64 -40.49 -24.66 -0.97
N LYS B 65 -41.52 -24.97 -1.75
CA LYS B 65 -42.86 -24.45 -1.47
C LYS B 65 -43.37 -25.00 -0.15
N GLY B 66 -43.63 -24.11 0.79
CA GLY B 66 -44.06 -24.47 2.12
C GLY B 66 -42.95 -24.76 3.11
N LYS B 67 -41.70 -24.66 2.68
CA LYS B 67 -40.54 -24.92 3.53
C LYS B 67 -39.89 -23.64 4.04
N ALA B 68 -39.73 -22.64 3.17
CA ALA B 68 -39.10 -21.37 3.51
C ALA B 68 -40.08 -20.22 3.31
N THR B 69 -39.98 -19.20 4.17
CA THR B 69 -40.79 -18.00 4.04
C THR B 69 -39.90 -16.77 4.05
N LEU B 70 -39.94 -16.00 2.96
CA LEU B 70 -39.11 -14.81 2.78
C LEU B 70 -39.88 -13.56 3.13
N THR B 71 -39.27 -12.68 3.92
CA THR B 71 -39.83 -11.38 4.25
C THR B 71 -38.77 -10.31 4.02
N VAL B 72 -39.19 -9.04 4.10
CA VAL B 72 -38.30 -7.93 3.83
C VAL B 72 -38.77 -6.72 4.63
N ASP B 73 -37.82 -5.88 5.04
CA ASP B 73 -38.09 -4.65 5.77
C ASP B 73 -37.34 -3.51 5.09
N LYS B 74 -38.09 -2.54 4.56
CA LYS B 74 -37.49 -1.40 3.88
C LYS B 74 -37.00 -0.35 4.86
N SER B 75 -37.55 -0.33 6.08
CA SER B 75 -37.17 0.67 7.06
C SER B 75 -35.71 0.51 7.46
N SER B 76 -35.20 -0.73 7.41
CA SER B 76 -33.81 -1.01 7.78
C SER B 76 -33.07 -1.75 6.67
N THR B 77 -33.69 -1.91 5.50
CA THR B 77 -33.11 -2.60 4.36
C THR B 77 -32.56 -3.98 4.76
N THR B 78 -33.45 -4.82 5.28
CA THR B 78 -33.03 -6.12 5.77
C THR B 78 -34.01 -7.20 5.34
N ALA B 79 -33.48 -8.29 4.79
CA ALA B 79 -34.30 -9.41 4.34
C ALA B 79 -34.26 -10.52 5.37
N TYR B 80 -35.29 -11.35 5.39
CA TYR B 80 -35.35 -12.44 6.35
C TYR B 80 -35.86 -13.71 5.67
N MET B 81 -35.39 -14.86 6.17
CA MET B 81 -35.84 -16.16 5.71
C MET B 81 -36.12 -17.03 6.93
N GLU B 82 -37.33 -17.56 7.02
CA GLU B 82 -37.72 -18.42 8.12
C GLU B 82 -37.92 -19.85 7.64
N LEU B 83 -37.40 -20.81 8.41
CA LEU B 83 -37.50 -22.24 8.12
C LEU B 83 -38.20 -22.94 9.28
N ARG B 84 -39.29 -23.65 8.97
CA ARG B 84 -40.03 -24.43 9.95
C ARG B 84 -39.88 -25.92 9.65
N SER B 85 -40.25 -26.75 10.62
CA SER B 85 -40.15 -28.21 10.51
C SER B 85 -38.73 -28.63 10.13
N LEU B 86 -37.79 -28.26 11.00
CA LEU B 86 -36.37 -28.49 10.72
C LEU B 86 -35.99 -29.95 10.91
N THR B 87 -35.24 -30.49 9.96
CA THR B 87 -34.75 -31.86 10.02
C THR B 87 -33.23 -31.89 9.82
N SER B 88 -32.67 -33.09 9.71
CA SER B 88 -31.22 -33.20 9.53
C SER B 88 -30.78 -32.68 8.17
N GLU B 89 -31.67 -32.72 7.18
CA GLU B 89 -31.33 -32.25 5.84
C GLU B 89 -31.17 -30.74 5.78
N ASP B 90 -31.80 -30.01 6.71
CA ASP B 90 -31.74 -28.56 6.71
C ASP B 90 -30.43 -28.02 7.28
N SER B 91 -29.64 -28.87 7.93
CA SER B 91 -28.34 -28.47 8.47
C SER B 91 -27.37 -28.17 7.34
N ALA B 92 -27.33 -26.92 6.88
CA ALA B 92 -26.47 -26.52 5.78
C ALA B 92 -26.16 -25.03 5.90
N VAL B 93 -25.38 -24.52 4.94
CA VAL B 93 -24.98 -23.13 4.91
C VAL B 93 -25.89 -22.36 3.96
N TYR B 94 -26.55 -21.33 4.47
CA TYR B 94 -27.52 -20.55 3.72
C TYR B 94 -26.95 -19.17 3.41
N TYR B 95 -27.14 -18.73 2.16
CA TYR B 95 -26.70 -17.42 1.70
C TYR B 95 -27.90 -16.58 1.27
N CYS B 96 -27.74 -15.25 1.37
CA CYS B 96 -28.68 -14.30 0.78
C CYS B 96 -27.91 -13.49 -0.23
N THR B 97 -28.39 -13.48 -1.48
CA THR B 97 -27.63 -12.86 -2.55
C THR B 97 -28.49 -11.90 -3.36
N ARG B 98 -27.89 -10.76 -3.72
CA ARG B 98 -28.55 -9.74 -4.52
C ARG B 98 -28.64 -10.20 -5.98
N SER B 99 -29.71 -9.78 -6.67
CA SER B 99 -29.81 -10.13 -8.08
C SER B 99 -30.73 -9.18 -8.84
N PRO B 100 -30.34 -8.76 -10.04
CA PRO B 100 -31.23 -7.93 -10.88
C PRO B 100 -32.37 -8.74 -11.48
N VAL B 101 -33.21 -8.09 -12.28
CA VAL B 101 -34.30 -8.81 -12.93
C VAL B 101 -33.80 -9.51 -14.18
N ARG B 102 -32.93 -8.85 -14.94
CA ARG B 102 -32.40 -9.44 -16.17
C ARG B 102 -31.11 -8.74 -16.58
N PRO B 103 -30.03 -9.52 -16.83
CA PRO B 103 -29.97 -10.98 -16.67
C PRO B 103 -29.82 -11.38 -15.21
N TYR B 104 -30.51 -12.47 -14.84
CA TYR B 104 -30.67 -12.90 -13.45
C TYR B 104 -29.40 -13.58 -12.92
N TYR B 105 -28.37 -12.78 -12.64
CA TYR B 105 -27.15 -13.29 -12.03
C TYR B 105 -27.09 -12.85 -10.57
N PHE B 106 -26.26 -13.56 -9.78
CA PHE B 106 -26.07 -13.25 -8.36
C PHE B 106 -24.76 -12.48 -8.17
N ASP B 107 -24.85 -11.15 -8.26
CA ASP B 107 -23.63 -10.34 -8.24
C ASP B 107 -22.97 -10.31 -6.87
N TYR B 108 -23.75 -10.15 -5.79
CA TYR B 108 -23.20 -10.05 -4.45
C TYR B 108 -23.87 -11.04 -3.52
N TRP B 109 -23.07 -11.75 -2.73
CA TRP B 109 -23.55 -12.75 -1.80
C TRP B 109 -23.31 -12.34 -0.35
N GLY B 110 -24.02 -13.01 0.57
CA GLY B 110 -23.75 -12.84 1.98
C GLY B 110 -22.66 -13.78 2.47
N GLN B 111 -22.21 -13.57 3.71
CA GLN B 111 -21.13 -14.39 4.23
C GLN B 111 -21.58 -15.82 4.53
N GLY B 112 -22.87 -16.07 4.66
CA GLY B 112 -23.41 -17.39 4.92
C GLY B 112 -23.85 -17.56 6.36
N THR B 113 -24.67 -18.57 6.60
CA THR B 113 -25.19 -18.86 7.93
C THR B 113 -25.16 -20.37 8.16
N THR B 114 -24.32 -20.82 9.08
CA THR B 114 -24.20 -22.25 9.36
C THR B 114 -25.35 -22.68 10.27
N LEU B 115 -26.26 -23.48 9.74
CA LEU B 115 -27.40 -23.98 10.49
C LEU B 115 -27.17 -25.44 10.86
N THR B 116 -27.36 -25.76 12.14
CA THR B 116 -27.24 -27.12 12.63
C THR B 116 -28.55 -27.51 13.31
N VAL B 117 -29.24 -28.48 12.75
CA VAL B 117 -30.51 -28.98 13.28
C VAL B 117 -30.22 -30.30 13.97
N SER B 118 -30.10 -30.26 15.29
CA SER B 118 -29.84 -31.46 16.08
C SER B 118 -30.30 -31.23 17.50
N SER B 119 -30.61 -32.33 18.19
CA SER B 119 -31.05 -32.26 19.57
C SER B 119 -29.89 -32.39 20.55
N ALA B 120 -28.66 -32.45 20.03
CA ALA B 120 -27.49 -32.60 20.88
C ALA B 120 -27.25 -31.34 21.70
N LYS B 121 -26.82 -31.53 22.95
CA LYS B 121 -26.59 -30.41 23.85
C LYS B 121 -25.38 -29.61 23.40
N THR B 122 -25.48 -28.29 23.54
CA THR B 122 -24.39 -27.38 23.20
C THR B 122 -23.23 -27.63 24.18
N THR B 123 -22.17 -28.29 23.69
CA THR B 123 -21.04 -28.67 24.52
C THR B 123 -19.91 -27.67 24.36
N PRO B 124 -19.41 -27.11 25.46
CA PRO B 124 -18.26 -26.19 25.39
C PRO B 124 -16.98 -26.90 25.02
N PRO B 125 -16.16 -26.28 24.15
CA PRO B 125 -14.93 -26.92 23.70
C PRO B 125 -13.86 -26.94 24.79
N SER B 126 -13.10 -28.02 24.82
CA SER B 126 -11.96 -28.18 25.73
C SER B 126 -10.69 -27.78 24.99
N VAL B 127 -10.05 -26.70 25.46
CA VAL B 127 -8.86 -26.14 24.82
C VAL B 127 -7.62 -26.62 25.56
N TYR B 128 -6.80 -27.43 24.88
CA TYR B 128 -5.56 -27.93 25.45
C TYR B 128 -4.35 -27.51 24.62
N PRO B 129 -3.37 -26.87 25.19
CA PRO B 129 -2.18 -26.39 24.45
C PRO B 129 -1.28 -27.51 23.94
N LEU B 130 -0.66 -27.29 22.78
CA LEU B 130 0.25 -28.27 22.20
C LEU B 130 1.64 -27.65 22.05
N ALA B 131 2.44 -27.67 23.11
CA ALA B 131 3.77 -27.06 23.07
C ALA B 131 4.84 -28.09 22.73
N PRO B 132 5.80 -27.63 21.89
CA PRO B 132 6.92 -28.50 21.56
C PRO B 132 7.76 -28.87 22.76
N GLY B 133 8.32 -30.08 22.73
CA GLY B 133 9.15 -30.56 23.81
C GLY B 133 10.43 -29.76 23.96
N CYS B 134 11.04 -29.87 25.14
CA CYS B 134 12.29 -29.20 25.48
C CYS B 134 13.52 -29.94 24.97
N GLY B 135 13.35 -31.09 24.33
CA GLY B 135 14.45 -31.87 23.80
C GLY B 135 14.59 -31.81 22.29
N ASP B 136 13.69 -31.07 21.65
CA ASP B 136 13.72 -30.95 20.20
C ASP B 136 14.89 -30.07 19.75
N THR B 137 15.25 -30.21 18.48
CA THR B 137 16.36 -29.45 17.89
C THR B 137 15.79 -28.18 17.28
N THR B 138 16.12 -27.04 17.88
CA THR B 138 15.63 -25.75 17.39
C THR B 138 16.38 -25.40 16.12
N GLY B 139 15.70 -25.56 14.98
CA GLY B 139 16.30 -25.25 13.69
C GLY B 139 15.97 -23.84 13.28
N SER B 140 15.76 -23.62 11.99
CA SER B 140 15.41 -22.29 11.52
C SER B 140 13.97 -21.90 11.82
N SER B 141 13.10 -22.88 12.12
CA SER B 141 11.71 -22.59 12.42
C SER B 141 11.15 -23.67 13.35
N VAL B 142 10.38 -23.23 14.35
CA VAL B 142 9.68 -24.10 15.28
C VAL B 142 8.19 -24.08 14.94
N THR B 143 7.55 -25.25 15.04
CA THR B 143 6.12 -25.40 14.77
C THR B 143 5.34 -25.58 16.07
N LEU B 144 4.45 -24.62 16.36
CA LEU B 144 3.59 -24.63 17.53
C LEU B 144 2.17 -25.07 17.13
N GLY B 145 1.27 -25.13 18.12
CA GLY B 145 -0.10 -25.53 17.86
C GLY B 145 -1.00 -25.67 19.08
N CYS B 146 -2.32 -25.67 18.86
CA CYS B 146 -3.29 -25.82 19.94
C CYS B 146 -4.36 -26.83 19.54
N LEU B 147 -4.95 -27.49 20.55
CA LEU B 147 -5.88 -28.60 20.35
C LEU B 147 -7.25 -28.28 20.94
N VAL B 148 -8.32 -28.57 20.19
CA VAL B 148 -9.69 -28.34 20.62
C VAL B 148 -10.42 -29.69 20.59
N LYS B 149 -10.95 -30.11 21.74
CA LYS B 149 -11.59 -31.41 21.87
C LYS B 149 -12.98 -31.28 22.48
N GLY B 150 -13.97 -31.92 21.86
CA GLY B 150 -15.31 -32.02 22.41
C GLY B 150 -16.15 -30.76 22.40
N TYR B 151 -16.90 -30.54 21.31
CA TYR B 151 -17.79 -29.38 21.24
C TYR B 151 -18.85 -29.65 20.18
N PHE B 152 -19.95 -28.90 20.28
CA PHE B 152 -21.07 -29.05 19.36
C PHE B 152 -21.85 -27.74 19.28
N PRO B 153 -22.26 -27.34 18.06
CA PRO B 153 -21.96 -28.01 16.79
C PRO B 153 -20.68 -27.48 16.15
N GLU B 154 -20.58 -27.62 14.83
CA GLU B 154 -19.42 -27.11 14.09
C GLU B 154 -19.45 -25.58 14.03
N SER B 155 -19.12 -24.93 15.15
CA SER B 155 -19.05 -23.47 15.21
C SER B 155 -17.92 -23.09 16.16
N VAL B 156 -16.71 -22.95 15.63
CA VAL B 156 -15.54 -22.64 16.44
C VAL B 156 -14.56 -21.83 15.60
N THR B 157 -13.81 -20.94 16.28
CA THR B 157 -12.85 -20.07 15.61
C THR B 157 -11.58 -19.95 16.45
N VAL B 158 -10.45 -20.39 15.91
CA VAL B 158 -9.17 -20.37 16.60
C VAL B 158 -8.27 -19.31 15.94
N THR B 159 -8.02 -18.20 16.64
CA THR B 159 -7.17 -17.13 16.14
C THR B 159 -5.81 -17.15 16.85
N TRP B 160 -4.84 -16.43 16.29
CA TRP B 160 -3.49 -16.36 16.85
C TRP B 160 -3.00 -14.92 17.01
N ASN B 161 -2.93 -14.46 18.26
CA ASN B 161 -2.42 -13.13 18.62
C ASN B 161 -3.12 -12.00 17.86
N SER B 162 -4.46 -12.02 17.89
CA SER B 162 -5.27 -10.99 17.23
C SER B 162 -4.94 -10.88 15.74
N GLY B 163 -4.65 -12.02 15.12
CA GLY B 163 -4.38 -12.05 13.70
C GLY B 163 -3.05 -11.45 13.27
N SER B 164 -2.01 -11.58 14.10
CA SER B 164 -0.68 -11.05 13.75
C SER B 164 0.41 -11.74 14.57
N LEU B 165 1.24 -12.56 13.90
CA LEU B 165 1.13 -12.80 12.47
C LEU B 165 0.64 -14.23 12.22
N SER B 166 0.12 -14.48 11.02
CA SER B 166 -0.42 -15.78 10.64
C SER B 166 -0.08 -16.13 9.19
N SER B 167 1.22 -16.13 8.87
CA SER B 167 1.69 -16.41 7.52
C SER B 167 2.09 -17.87 7.33
N SER B 168 1.86 -18.72 8.34
CA SER B 168 2.24 -20.13 8.25
C SER B 168 1.32 -21.03 9.07
N VAL B 169 0.11 -20.59 9.38
CA VAL B 169 -0.82 -21.35 10.20
C VAL B 169 -1.57 -22.38 9.35
N HIS B 170 -1.49 -23.64 9.81
CA HIS B 170 -2.25 -24.73 9.18
C HIS B 170 -3.39 -25.17 10.09
N THR B 171 -4.62 -25.06 9.60
CA THR B 171 -5.80 -25.46 10.37
C THR B 171 -6.41 -26.75 9.85
N PHE B 172 -6.61 -27.72 10.74
CA PHE B 172 -7.14 -29.02 10.36
C PHE B 172 -8.66 -29.10 10.59
N PRO B 173 -9.37 -29.66 9.61
CA PRO B 173 -10.83 -29.78 9.70
C PRO B 173 -11.28 -30.59 10.91
N ALA B 174 -12.40 -30.15 11.48
CA ALA B 174 -12.96 -30.82 12.66
C ALA B 174 -13.53 -32.18 12.28
N LEU B 175 -13.43 -33.11 13.22
CA LEU B 175 -13.97 -34.46 13.04
C LEU B 175 -15.04 -34.71 14.09
N LEU B 176 -16.19 -35.22 13.64
CA LEU B 176 -17.33 -35.47 14.50
C LEU B 176 -17.27 -36.92 15.00
N GLN B 177 -17.47 -37.09 16.32
CA GLN B 177 -17.45 -38.40 16.92
C GLN B 177 -18.23 -38.34 18.23
N SER B 178 -19.10 -39.33 18.44
CA SER B 178 -19.94 -39.41 19.65
C SER B 178 -20.72 -38.11 19.88
N GLY B 179 -21.10 -37.44 18.79
CA GLY B 179 -21.87 -36.22 18.88
C GLY B 179 -21.06 -34.97 19.19
N LEU B 180 -19.74 -35.08 19.29
CA LEU B 180 -18.89 -33.94 19.61
C LEU B 180 -17.78 -33.81 18.57
N TYR B 181 -17.44 -32.57 18.24
CA TYR B 181 -16.41 -32.30 17.25
C TYR B 181 -15.04 -32.19 17.92
N THR B 182 -13.98 -32.38 17.13
CA THR B 182 -12.62 -32.28 17.62
C THR B 182 -11.69 -31.85 16.49
N MET B 183 -10.96 -30.76 16.69
CA MET B 183 -10.06 -30.21 15.68
C MET B 183 -8.76 -29.76 16.31
N SER B 184 -7.81 -29.35 15.46
CA SER B 184 -6.50 -28.90 15.91
C SER B 184 -5.92 -27.88 14.93
N SER B 185 -4.98 -27.07 15.44
CA SER B 185 -4.33 -26.03 14.65
C SER B 185 -2.84 -25.98 14.94
N SER B 186 -2.07 -25.50 13.96
CA SER B 186 -0.61 -25.40 14.07
C SER B 186 -0.14 -24.11 13.40
N VAL B 187 1.08 -23.71 13.71
CA VAL B 187 1.67 -22.49 13.16
C VAL B 187 3.19 -22.62 13.12
N THR B 188 3.78 -22.35 11.96
CA THR B 188 5.23 -22.46 11.75
C THR B 188 5.86 -21.08 11.90
N VAL B 189 6.50 -20.83 13.04
CA VAL B 189 7.14 -19.52 13.27
C VAL B 189 8.65 -19.68 13.36
N PRO B 190 9.43 -18.70 12.90
CA PRO B 190 10.90 -18.82 12.96
C PRO B 190 11.39 -18.93 14.39
N SER B 191 12.67 -19.29 14.53
CA SER B 191 13.27 -19.48 15.83
C SER B 191 13.76 -18.17 16.46
N SER B 192 13.50 -17.04 15.80
CA SER B 192 13.91 -15.73 16.29
C SER B 192 12.74 -14.97 16.90
N THR B 193 11.64 -15.67 17.18
CA THR B 193 10.45 -15.07 17.76
C THR B 193 9.83 -15.98 18.84
N TRP B 194 10.49 -17.09 19.17
CA TRP B 194 10.00 -18.03 20.17
C TRP B 194 11.15 -18.62 20.97
N PRO B 195 10.98 -18.70 22.30
CA PRO B 195 9.80 -18.24 23.05
C PRO B 195 9.95 -16.81 23.55
N SER B 196 10.62 -15.97 22.75
CA SER B 196 10.88 -14.59 23.14
C SER B 196 9.58 -13.80 23.35
N GLN B 197 8.77 -13.66 22.30
CA GLN B 197 7.55 -12.88 22.40
C GLN B 197 6.41 -13.72 22.98
N THR B 198 5.20 -13.14 22.94
CA THR B 198 3.99 -13.77 23.49
C THR B 198 3.13 -14.30 22.35
N VAL B 199 2.97 -15.63 22.29
CA VAL B 199 2.13 -16.28 21.29
C VAL B 199 1.01 -17.00 22.03
N THR B 200 -0.23 -16.52 21.85
CA THR B 200 -1.38 -17.07 22.56
C THR B 200 -2.47 -17.42 21.55
N CYS B 201 -2.98 -18.65 21.64
CA CYS B 201 -4.06 -19.09 20.76
C CYS B 201 -5.42 -18.85 21.43
N SER B 202 -6.37 -18.33 20.66
CA SER B 202 -7.72 -18.04 21.13
C SER B 202 -8.71 -19.00 20.49
N VAL B 203 -9.55 -19.63 21.31
CA VAL B 203 -10.57 -20.56 20.84
C VAL B 203 -11.93 -20.02 21.23
N ALA B 204 -12.74 -19.66 20.24
CA ALA B 204 -14.07 -19.10 20.42
C ALA B 204 -15.13 -20.10 19.99
N HIS B 205 -16.22 -20.18 20.75
CA HIS B 205 -17.34 -21.05 20.45
C HIS B 205 -18.63 -20.25 20.48
N PRO B 206 -19.07 -19.75 19.32
CA PRO B 206 -20.28 -18.91 19.27
C PRO B 206 -21.55 -19.63 19.68
N ALA B 207 -21.62 -20.95 19.49
CA ALA B 207 -22.81 -21.69 19.87
C ALA B 207 -22.98 -21.70 21.38
N SER B 208 -21.87 -21.87 22.11
CA SER B 208 -21.90 -21.85 23.56
C SER B 208 -21.42 -20.50 24.09
N SER B 209 -21.00 -19.60 23.21
CA SER B 209 -20.50 -18.28 23.58
C SER B 209 -19.36 -18.35 24.58
N THR B 210 -18.42 -19.26 24.34
CA THR B 210 -17.30 -19.45 25.27
C THR B 210 -15.98 -19.24 24.55
N THR B 211 -15.19 -18.28 25.04
CA THR B 211 -13.90 -17.94 24.46
C THR B 211 -12.79 -18.23 25.47
N VAL B 212 -12.03 -19.28 25.22
CA VAL B 212 -10.91 -19.68 26.09
C VAL B 212 -9.61 -19.39 25.36
N ASP B 213 -8.71 -18.66 26.01
CA ASP B 213 -7.42 -18.29 25.44
C ASP B 213 -6.31 -19.01 26.21
N LYS B 214 -5.40 -19.67 25.49
CA LYS B 214 -4.29 -20.39 26.11
C LYS B 214 -2.98 -19.95 25.47
N LYS B 215 -1.98 -19.64 26.30
CA LYS B 215 -0.66 -19.25 25.81
C LYS B 215 0.27 -20.45 25.81
N LEU B 216 1.10 -20.54 24.76
CA LEU B 216 2.03 -21.66 24.63
C LEU B 216 3.25 -21.46 25.52
N GLU B 217 3.64 -22.51 26.24
CA GLU B 217 4.81 -22.48 27.11
C GLU B 217 5.65 -23.74 26.92
N PRO B 218 6.93 -23.61 26.55
CA PRO B 218 7.81 -24.76 26.34
C PRO B 218 8.17 -25.49 27.63
N ASP C 1 -38.19 -28.41 -15.17
CA ASP C 1 -36.99 -27.74 -14.69
C ASP C 1 -35.79 -28.05 -15.58
N ILE C 2 -34.64 -27.49 -15.22
CA ILE C 2 -33.42 -27.60 -16.00
C ILE C 2 -32.37 -28.33 -15.18
N VAL C 3 -31.66 -29.26 -15.81
CA VAL C 3 -30.63 -30.05 -15.16
C VAL C 3 -29.29 -29.62 -15.74
N MET C 4 -28.51 -28.88 -14.94
CA MET C 4 -27.16 -28.48 -15.31
C MET C 4 -26.18 -29.56 -14.87
N THR C 5 -25.63 -30.30 -15.82
CA THR C 5 -24.81 -31.47 -15.56
C THR C 5 -23.34 -31.13 -15.80
N GLN C 6 -22.52 -31.22 -14.75
CA GLN C 6 -21.07 -31.10 -14.87
C GLN C 6 -20.46 -32.49 -14.74
N SER C 7 -20.05 -33.06 -15.87
CA SER C 7 -19.55 -34.44 -15.89
C SER C 7 -18.29 -34.59 -15.05
N HIS C 8 -17.33 -33.66 -15.17
CA HIS C 8 -16.07 -33.73 -14.44
C HIS C 8 -16.22 -33.08 -13.07
N LYS C 9 -16.29 -33.91 -12.03
CA LYS C 9 -16.40 -33.40 -10.66
C LYS C 9 -15.07 -32.81 -10.18
N PHE C 10 -13.95 -33.33 -10.67
CA PHE C 10 -12.62 -32.86 -10.29
C PHE C 10 -11.75 -32.72 -11.53
N MET C 11 -10.93 -31.67 -11.56
CA MET C 11 -9.99 -31.48 -12.66
C MET C 11 -8.64 -31.03 -12.11
N SER C 12 -7.58 -31.62 -12.67
CA SER C 12 -6.21 -31.34 -12.26
C SER C 12 -5.54 -30.45 -13.30
N THR C 13 -4.77 -29.48 -12.81
CA THR C 13 -4.03 -28.57 -13.68
C THR C 13 -2.80 -28.08 -12.93
N SER C 14 -1.90 -27.43 -13.67
CA SER C 14 -0.67 -26.91 -13.11
C SER C 14 -0.67 -25.39 -13.20
N VAL C 15 0.25 -24.77 -12.45
CA VAL C 15 0.38 -23.32 -12.44
C VAL C 15 0.90 -22.87 -13.81
N GLY C 16 0.06 -22.18 -14.57
CA GLY C 16 0.43 -21.69 -15.89
C GLY C 16 -0.23 -22.42 -17.03
N ASP C 17 -0.89 -23.55 -16.78
CA ASP C 17 -1.55 -24.31 -17.84
C ASP C 17 -2.91 -23.70 -18.16
N ARG C 18 -3.46 -24.12 -19.30
CA ARG C 18 -4.77 -23.68 -19.77
C ARG C 18 -5.80 -24.71 -19.36
N VAL C 19 -6.77 -24.30 -18.54
CA VAL C 19 -7.78 -25.20 -18.02
C VAL C 19 -9.16 -24.73 -18.47
N SER C 20 -10.02 -25.69 -18.85
CA SER C 20 -11.35 -25.38 -19.32
C SER C 20 -12.34 -26.33 -18.67
N ILE C 21 -13.41 -25.78 -18.11
CA ILE C 21 -14.46 -26.56 -17.46
C ILE C 21 -15.70 -26.55 -18.34
N THR C 22 -16.31 -27.72 -18.52
CA THR C 22 -17.50 -27.88 -19.34
C THR C 22 -18.76 -27.92 -18.49
N CYS C 23 -19.86 -27.45 -19.06
CA CYS C 23 -21.17 -27.43 -18.42
C CYS C 23 -22.22 -27.90 -19.41
N LYS C 24 -22.95 -28.95 -19.06
CA LYS C 24 -23.99 -29.51 -19.89
C LYS C 24 -25.35 -29.22 -19.28
N ALA C 25 -26.26 -28.67 -20.07
CA ALA C 25 -27.59 -28.32 -19.62
C ALA C 25 -28.60 -29.33 -20.14
N SER C 26 -29.83 -29.24 -19.62
CA SER C 26 -30.88 -30.15 -20.06
C SER C 26 -31.36 -29.80 -21.46
N GLN C 27 -31.91 -28.60 -21.63
CA GLN C 27 -32.39 -28.10 -22.91
C GLN C 27 -31.49 -26.99 -23.42
N ASP C 28 -31.88 -26.42 -24.57
CA ASP C 28 -31.14 -25.31 -25.15
C ASP C 28 -31.29 -24.05 -24.31
N VAL C 29 -30.17 -23.34 -24.13
CA VAL C 29 -30.10 -22.22 -23.19
C VAL C 29 -29.80 -20.90 -23.88
N SER C 30 -29.43 -20.92 -25.17
CA SER C 30 -28.97 -19.76 -25.91
C SER C 30 -27.70 -19.20 -25.26
N THR C 31 -27.80 -18.06 -24.58
CA THR C 31 -26.66 -17.44 -23.91
C THR C 31 -27.00 -17.04 -22.49
N ALA C 32 -27.59 -17.96 -21.72
CA ALA C 32 -27.99 -17.67 -20.35
C ALA C 32 -27.23 -18.59 -19.39
N VAL C 33 -25.91 -18.40 -19.31
CA VAL C 33 -25.08 -19.22 -18.43
C VAL C 33 -24.17 -18.31 -17.62
N ALA C 34 -24.11 -18.53 -16.32
CA ALA C 34 -23.26 -17.78 -15.40
C ALA C 34 -22.25 -18.71 -14.75
N TRP C 35 -21.03 -18.23 -14.58
CA TRP C 35 -19.95 -18.99 -13.94
C TRP C 35 -19.57 -18.30 -12.63
N TYR C 36 -19.66 -19.04 -11.52
CA TYR C 36 -19.37 -18.57 -10.19
C TYR C 36 -18.15 -19.28 -9.62
N GLN C 37 -17.39 -18.55 -8.82
CA GLN C 37 -16.21 -19.08 -8.13
C GLN C 37 -16.46 -19.05 -6.63
N GLN C 38 -16.32 -20.20 -5.99
CA GLN C 38 -16.51 -20.34 -4.54
C GLN C 38 -15.23 -20.89 -3.94
N LYS C 39 -14.45 -20.03 -3.28
CA LYS C 39 -13.26 -20.49 -2.60
C LYS C 39 -13.63 -21.22 -1.31
N PRO C 40 -12.86 -22.25 -0.94
CA PRO C 40 -13.15 -23.01 0.28
C PRO C 40 -13.26 -22.14 1.53
N GLY C 41 -14.48 -22.00 2.05
CA GLY C 41 -14.73 -21.20 3.24
C GLY C 41 -15.31 -19.84 2.99
N GLN C 42 -15.58 -19.49 1.73
CA GLN C 42 -16.12 -18.20 1.36
C GLN C 42 -17.43 -18.39 0.59
N SER C 43 -18.12 -17.28 0.38
CA SER C 43 -19.34 -17.29 -0.40
C SER C 43 -19.03 -17.30 -1.89
N PRO C 44 -19.93 -17.85 -2.71
CA PRO C 44 -19.73 -17.83 -4.16
C PRO C 44 -19.50 -16.42 -4.68
N LYS C 45 -18.67 -16.32 -5.71
CA LYS C 45 -18.37 -15.04 -6.35
C LYS C 45 -18.64 -15.14 -7.85
N LEU C 46 -19.46 -14.24 -8.35
CA LEU C 46 -19.81 -14.22 -9.77
C LEU C 46 -18.60 -13.84 -10.62
N LEU C 47 -18.30 -14.66 -11.63
CA LEU C 47 -17.20 -14.39 -12.54
C LEU C 47 -17.69 -14.09 -13.96
N ILE C 48 -18.49 -14.98 -14.54
CA ILE C 48 -18.96 -14.81 -15.91
C ILE C 48 -20.49 -14.74 -15.91
N TYR C 49 -21.04 -13.92 -16.80
CA TYR C 49 -22.48 -13.86 -17.00
C TYR C 49 -22.75 -13.77 -18.49
N SER C 50 -23.86 -14.40 -18.91
CA SER C 50 -24.25 -14.46 -20.32
C SER C 50 -23.13 -15.05 -21.18
N ALA C 51 -22.80 -16.32 -20.89
CA ALA C 51 -21.83 -17.09 -21.66
C ALA C 51 -20.43 -16.51 -21.63
N SER C 52 -20.24 -15.33 -22.23
CA SER C 52 -18.91 -14.77 -22.47
C SER C 52 -18.62 -13.49 -21.69
N TYR C 53 -19.63 -12.70 -21.36
CA TYR C 53 -19.39 -11.40 -20.73
C TYR C 53 -18.80 -11.56 -19.34
N ARG C 54 -17.79 -10.74 -19.04
CA ARG C 54 -17.16 -10.70 -17.73
C ARG C 54 -17.84 -9.66 -16.86
N TYR C 55 -17.87 -9.91 -15.56
CA TYR C 55 -18.43 -8.97 -14.62
C TYR C 55 -17.36 -7.98 -14.18
N THR C 56 -17.80 -6.84 -13.63
CA THR C 56 -16.88 -5.80 -13.20
C THR C 56 -16.05 -6.31 -12.02
N GLY C 57 -14.74 -6.06 -12.08
CA GLY C 57 -13.85 -6.52 -11.03
C GLY C 57 -13.38 -7.93 -11.19
N VAL C 58 -13.26 -8.41 -12.42
CA VAL C 58 -12.81 -9.77 -12.71
C VAL C 58 -11.58 -9.69 -13.60
N PRO C 59 -10.48 -10.35 -13.26
CA PRO C 59 -9.28 -10.31 -14.09
C PRO C 59 -9.55 -10.76 -15.52
N ASP C 60 -8.66 -10.38 -16.42
CA ASP C 60 -8.81 -10.68 -17.84
C ASP C 60 -8.49 -12.14 -18.17
N ARG C 61 -7.86 -12.86 -17.24
CA ARG C 61 -7.46 -14.24 -17.47
C ARG C 61 -8.64 -15.20 -17.46
N PHE C 62 -9.78 -14.80 -16.92
CA PHE C 62 -10.98 -15.64 -16.89
C PHE C 62 -11.85 -15.32 -18.11
N THR C 63 -12.09 -16.31 -18.96
CA THR C 63 -12.94 -16.15 -20.12
C THR C 63 -14.09 -17.17 -20.10
N GLY C 64 -15.01 -16.98 -21.05
CA GLY C 64 -16.17 -17.83 -21.22
C GLY C 64 -16.62 -17.96 -22.66
N SER C 65 -17.07 -19.15 -23.05
CA SER C 65 -17.53 -19.41 -24.40
C SER C 65 -18.60 -20.49 -24.37
N GLY C 66 -19.33 -20.61 -25.49
CA GLY C 66 -20.39 -21.59 -25.62
C GLY C 66 -21.72 -20.95 -25.97
N SER C 67 -22.57 -21.67 -26.71
CA SER C 67 -23.88 -21.12 -27.10
C SER C 67 -24.84 -22.27 -27.40
N GLY C 68 -25.65 -22.64 -26.42
CA GLY C 68 -26.62 -23.72 -26.58
C GLY C 68 -26.80 -24.57 -25.33
N THR C 69 -26.13 -25.72 -25.27
CA THR C 69 -26.23 -26.61 -24.12
C THR C 69 -24.90 -26.90 -23.48
N ASP C 70 -23.83 -26.96 -24.26
CA ASP C 70 -22.49 -27.21 -23.75
C ASP C 70 -21.76 -25.87 -23.68
N PHE C 71 -21.22 -25.56 -22.50
CA PHE C 71 -20.54 -24.29 -22.29
C PHE C 71 -19.17 -24.55 -21.67
N THR C 72 -18.27 -23.60 -21.87
CA THR C 72 -16.87 -23.76 -21.45
C THR C 72 -16.39 -22.50 -20.75
N PHE C 73 -15.81 -22.68 -19.57
CA PHE C 73 -15.16 -21.63 -18.79
C PHE C 73 -13.65 -21.85 -18.88
N THR C 74 -12.93 -20.87 -19.41
CA THR C 74 -11.51 -21.05 -19.71
C THR C 74 -10.65 -20.13 -18.85
N ILE C 75 -9.60 -20.70 -18.25
CA ILE C 75 -8.57 -19.95 -17.54
C ILE C 75 -7.26 -20.16 -18.27
N SER C 76 -6.62 -19.05 -18.67
CA SER C 76 -5.37 -19.11 -19.42
C SER C 76 -4.17 -19.39 -18.52
N SER C 77 -3.91 -18.51 -17.56
CA SER C 77 -2.79 -18.65 -16.64
C SER C 77 -3.31 -18.93 -15.23
N VAL C 78 -3.19 -20.18 -14.81
CA VAL C 78 -3.66 -20.61 -13.49
C VAL C 78 -2.69 -20.12 -12.43
N GLN C 79 -3.22 -19.41 -11.43
CA GLN C 79 -2.41 -18.92 -10.32
C GLN C 79 -2.68 -19.76 -9.08
N ALA C 80 -1.83 -19.57 -8.07
CA ALA C 80 -1.96 -20.33 -6.82
C ALA C 80 -3.23 -19.96 -6.09
N GLU C 81 -3.71 -18.74 -6.27
CA GLU C 81 -4.92 -18.25 -5.61
C GLU C 81 -6.18 -18.55 -6.41
N ASP C 82 -6.05 -19.22 -7.55
CA ASP C 82 -7.19 -19.64 -8.36
C ASP C 82 -7.81 -20.94 -7.88
N LEU C 83 -7.31 -21.49 -6.78
CA LEU C 83 -7.82 -22.73 -6.20
C LEU C 83 -9.20 -22.51 -5.59
N ALA C 84 -10.24 -23.00 -6.27
CA ALA C 84 -11.61 -22.84 -5.79
C ALA C 84 -12.50 -23.82 -6.52
N VAL C 85 -13.76 -23.89 -6.09
CA VAL C 85 -14.78 -24.71 -6.74
C VAL C 85 -15.61 -23.84 -7.68
N TYR C 86 -15.73 -24.26 -8.93
CA TYR C 86 -16.41 -23.49 -9.95
C TYR C 86 -17.79 -24.09 -10.23
N TYR C 87 -18.80 -23.22 -10.32
CA TYR C 87 -20.18 -23.64 -10.55
C TYR C 87 -20.73 -22.93 -11.79
N CYS C 88 -21.52 -23.64 -12.58
CA CYS C 88 -22.27 -23.04 -13.67
C CYS C 88 -23.75 -23.03 -13.35
N GLN C 89 -24.45 -22.00 -13.82
CA GLN C 89 -25.86 -21.82 -13.47
C GLN C 89 -26.64 -21.18 -14.62
N GLN C 90 -27.80 -21.76 -14.95
CA GLN C 90 -28.66 -21.20 -15.98
C GLN C 90 -29.53 -20.10 -15.39
N HIS C 91 -29.78 -19.05 -16.17
CA HIS C 91 -30.60 -17.93 -15.69
C HIS C 91 -31.67 -17.54 -16.72
N TYR C 92 -32.41 -18.51 -17.25
CA TYR C 92 -33.50 -18.19 -18.16
C TYR C 92 -34.84 -18.67 -17.62
N SER C 93 -34.98 -19.96 -17.33
CA SER C 93 -36.26 -20.52 -16.93
C SER C 93 -36.33 -20.63 -15.41
N ILE C 94 -37.54 -20.49 -14.89
CA ILE C 94 -37.78 -20.68 -13.47
C ILE C 94 -38.06 -22.14 -13.19
N PRO C 95 -37.37 -22.74 -12.20
CA PRO C 95 -36.36 -22.11 -11.34
C PRO C 95 -34.93 -22.15 -11.90
N ARG C 96 -34.07 -21.32 -11.30
CA ARG C 96 -32.66 -21.27 -11.65
C ARG C 96 -31.91 -22.43 -10.97
N THR C 97 -31.28 -23.28 -11.76
CA THR C 97 -30.56 -24.43 -11.23
C THR C 97 -29.05 -24.24 -11.40
N PHE C 98 -28.28 -25.05 -10.67
CA PHE C 98 -26.83 -24.99 -10.70
C PHE C 98 -26.23 -26.32 -11.13
N GLY C 99 -24.91 -26.28 -11.40
CA GLY C 99 -24.15 -27.46 -11.74
C GLY C 99 -23.62 -28.20 -10.51
N GLY C 100 -23.06 -29.38 -10.77
CA GLY C 100 -22.51 -30.19 -9.68
C GLY C 100 -21.33 -29.54 -8.97
N GLY C 101 -20.50 -28.81 -9.71
CA GLY C 101 -19.32 -28.17 -9.16
C GLY C 101 -18.06 -28.91 -9.55
N THR C 102 -17.03 -28.19 -9.99
CA THR C 102 -15.76 -28.77 -10.40
C THR C 102 -14.63 -28.22 -9.53
N LYS C 103 -14.19 -29.01 -8.56
CA LYS C 103 -13.10 -28.61 -7.67
C LYS C 103 -11.78 -28.67 -8.44
N LEU C 104 -11.20 -27.51 -8.72
CA LEU C 104 -9.97 -27.42 -9.51
C LEU C 104 -8.75 -27.59 -8.61
N GLU C 105 -8.13 -28.78 -8.65
CA GLU C 105 -6.93 -29.05 -7.88
C GLU C 105 -5.69 -28.71 -8.71
N ILE C 106 -4.68 -28.15 -8.06
CA ILE C 106 -3.46 -27.71 -8.72
C ILE C 106 -2.37 -28.77 -8.58
N LYS C 107 -1.74 -29.10 -9.71
CA LYS C 107 -0.68 -30.10 -9.78
C LYS C 107 0.68 -29.41 -9.74
N ARG C 108 1.59 -29.91 -8.91
CA ARG C 108 2.94 -29.35 -8.82
C ARG C 108 3.92 -30.48 -8.53
N ALA C 109 5.16 -30.09 -8.25
CA ALA C 109 6.22 -31.03 -7.92
C ALA C 109 6.03 -31.59 -6.51
N ASP C 110 6.72 -32.69 -6.24
CA ASP C 110 6.61 -33.34 -4.94
C ASP C 110 7.25 -32.49 -3.85
N ALA C 111 6.80 -32.71 -2.61
CA ALA C 111 7.30 -31.99 -1.45
C ALA C 111 7.44 -32.95 -0.28
N ALA C 112 8.49 -32.77 0.50
CA ALA C 112 8.76 -33.63 1.65
C ALA C 112 7.90 -33.24 2.84
N PRO C 113 7.06 -34.15 3.37
CA PRO C 113 6.20 -33.80 4.51
C PRO C 113 6.95 -33.61 5.82
N THR C 114 7.04 -32.36 6.28
CA THR C 114 7.60 -32.06 7.60
C THR C 114 6.71 -32.65 8.69
N VAL C 115 7.21 -33.67 9.40
CA VAL C 115 6.47 -34.35 10.44
C VAL C 115 6.90 -33.79 11.80
N SER C 116 5.93 -33.46 12.66
CA SER C 116 6.23 -32.92 13.98
C SER C 116 5.32 -33.55 15.02
N ILE C 117 5.91 -34.23 16.00
CA ILE C 117 5.17 -34.92 17.06
C ILE C 117 5.12 -34.05 18.31
N PHE C 118 4.01 -34.14 19.05
CA PHE C 118 3.79 -33.30 20.23
C PHE C 118 3.21 -34.09 21.40
N PRO C 119 3.82 -33.96 22.58
CA PRO C 119 3.34 -34.63 23.80
C PRO C 119 2.14 -33.92 24.42
N PRO C 120 1.27 -34.67 25.09
CA PRO C 120 0.11 -34.07 25.78
C PRO C 120 0.53 -33.08 26.86
N SER C 121 -0.10 -31.91 26.84
CA SER C 121 0.16 -30.84 27.79
C SER C 121 -0.38 -31.17 29.18
N SER C 122 0.03 -30.37 30.16
CA SER C 122 -0.40 -30.57 31.55
C SER C 122 -1.85 -30.17 31.74
N GLU C 123 -2.37 -29.21 30.97
CA GLU C 123 -3.76 -28.82 31.11
C GLU C 123 -4.68 -29.98 30.77
N GLN C 124 -4.26 -30.83 29.83
CA GLN C 124 -5.04 -32.00 29.47
C GLN C 124 -4.85 -33.11 30.49
N LEU C 125 -3.66 -33.20 31.09
CA LEU C 125 -3.40 -34.19 32.12
C LEU C 125 -4.22 -33.89 33.38
N THR C 126 -4.53 -32.61 33.62
CA THR C 126 -5.34 -32.27 34.78
C THR C 126 -6.75 -32.83 34.63
N SER C 127 -7.31 -32.73 33.42
CA SER C 127 -8.65 -33.24 33.16
C SER C 127 -8.68 -34.76 33.16
N GLY C 128 -7.55 -35.41 32.86
CA GLY C 128 -7.48 -36.85 32.87
C GLY C 128 -7.42 -37.53 31.51
N GLY C 129 -6.66 -36.95 30.57
CA GLY C 129 -6.49 -37.54 29.26
C GLY C 129 -5.14 -37.15 28.69
N ALA C 130 -4.75 -37.84 27.62
CA ALA C 130 -3.46 -37.56 26.99
C ALA C 130 -3.48 -38.01 25.54
N SER C 131 -3.27 -37.07 24.61
CA SER C 131 -3.29 -37.36 23.18
C SER C 131 -1.99 -36.95 22.54
N VAL C 132 -1.26 -37.92 21.99
CA VAL C 132 -0.03 -37.66 21.25
C VAL C 132 -0.41 -37.23 19.83
N VAL C 133 0.19 -36.15 19.35
CA VAL C 133 -0.19 -35.57 18.05
C VAL C 133 0.95 -35.70 17.05
N CYS C 134 0.63 -36.07 15.82
CA CYS C 134 1.62 -36.18 14.75
C CYS C 134 1.16 -35.34 13.56
N PHE C 135 1.83 -34.21 13.32
CA PHE C 135 1.50 -33.30 12.23
C PHE C 135 2.33 -33.60 10.98
N LEU C 136 1.68 -33.51 9.82
CA LEU C 136 2.34 -33.69 8.53
C LEU C 136 2.06 -32.47 7.68
N ASN C 137 3.08 -31.62 7.50
CA ASN C 137 2.93 -30.33 6.84
C ASN C 137 3.67 -30.27 5.51
N ASN C 138 3.09 -29.56 4.55
CA ASN C 138 3.72 -29.26 3.27
C ASN C 138 4.20 -30.49 2.50
N PHE C 139 3.26 -31.20 1.86
CA PHE C 139 3.60 -32.33 1.03
C PHE C 139 2.62 -32.40 -0.14
N TYR C 140 2.95 -33.23 -1.12
CA TYR C 140 2.12 -33.40 -2.31
C TYR C 140 2.49 -34.70 -3.00
N PRO C 141 1.47 -35.46 -3.44
CA PRO C 141 0.04 -35.15 -3.34
C PRO C 141 -0.61 -35.56 -2.03
N LYS C 142 -1.93 -35.73 -2.05
CA LYS C 142 -2.68 -36.02 -0.84
C LYS C 142 -2.40 -37.43 -0.34
N ASP C 143 -2.23 -38.39 -1.25
CA ASP C 143 -1.99 -39.78 -0.87
C ASP C 143 -0.71 -39.96 -0.08
N ILE C 144 -0.84 -40.34 1.19
CA ILE C 144 0.30 -40.57 2.07
C ILE C 144 -0.13 -41.48 3.20
N ASN C 145 0.73 -42.42 3.56
CA ASN C 145 0.45 -43.38 4.62
C ASN C 145 1.00 -42.86 5.94
N VAL C 146 0.25 -43.10 7.02
CA VAL C 146 0.67 -42.71 8.37
C VAL C 146 0.59 -43.93 9.27
N LYS C 147 1.71 -44.30 9.88
CA LYS C 147 1.79 -45.44 10.77
C LYS C 147 2.24 -44.98 12.15
N TRP C 148 1.55 -45.45 13.19
CA TRP C 148 1.85 -45.11 14.57
C TRP C 148 2.62 -46.22 15.27
N LYS C 149 3.42 -45.82 16.26
CA LYS C 149 4.23 -46.76 17.04
C LYS C 149 4.32 -46.23 18.48
N ILE C 150 3.61 -46.87 19.39
CA ILE C 150 3.66 -46.45 20.79
C ILE C 150 5.01 -46.79 21.41
N ASP C 151 5.38 -48.06 21.38
CA ASP C 151 6.67 -48.54 21.86
C ASP C 151 7.21 -49.61 20.93
N GLY C 152 7.24 -49.30 19.63
CA GLY C 152 7.68 -50.23 18.62
C GLY C 152 6.57 -51.04 17.98
N SER C 153 5.43 -51.18 18.65
CA SER C 153 4.29 -51.91 18.12
C SER C 153 3.41 -50.96 17.30
N GLU C 154 2.98 -51.41 16.13
CA GLU C 154 2.15 -50.60 15.25
C GLU C 154 0.80 -50.35 15.92
N ARG C 155 0.59 -49.13 16.38
CA ARG C 155 -0.68 -48.74 16.99
C ARG C 155 -1.67 -48.33 15.91
N GLN C 156 -2.89 -48.84 16.02
CA GLN C 156 -3.93 -48.60 15.04
C GLN C 156 -5.24 -48.10 15.63
N ASN C 157 -5.51 -48.35 16.91
CA ASN C 157 -6.73 -47.88 17.55
C ASN C 157 -6.52 -46.48 18.12
N GLY C 158 -7.51 -45.63 17.93
CA GLY C 158 -7.44 -44.27 18.41
C GLY C 158 -6.67 -43.33 17.51
N VAL C 159 -6.51 -43.68 16.24
CA VAL C 159 -5.79 -42.87 15.27
C VAL C 159 -6.79 -42.20 14.35
N LEU C 160 -6.73 -40.87 14.25
CA LEU C 160 -7.62 -40.12 13.36
C LEU C 160 -6.78 -39.29 12.39
N ASN C 161 -6.97 -39.54 11.10
CA ASN C 161 -6.27 -38.80 10.05
C ASN C 161 -7.18 -37.71 9.51
N SER C 162 -6.69 -36.47 9.47
CA SER C 162 -7.45 -35.33 8.97
C SER C 162 -6.67 -34.65 7.86
N TRP C 163 -7.17 -34.78 6.63
CA TRP C 163 -6.56 -34.13 5.47
C TRP C 163 -7.23 -32.78 5.23
N THR C 164 -6.43 -31.73 5.08
CA THR C 164 -6.94 -30.42 4.77
C THR C 164 -7.09 -30.26 3.27
N ASP C 165 -7.73 -29.15 2.87
CA ASP C 165 -7.83 -28.83 1.45
C ASP C 165 -6.48 -28.29 0.96
N GLN C 166 -6.32 -28.30 -0.36
CA GLN C 166 -5.09 -27.84 -0.96
C GLN C 166 -4.81 -26.38 -0.59
N ASP C 167 -3.53 -26.01 -0.65
CA ASP C 167 -3.09 -24.68 -0.27
C ASP C 167 -3.21 -23.73 -1.46
N SER C 168 -3.38 -22.45 -1.17
CA SER C 168 -3.57 -21.43 -2.20
C SER C 168 -2.34 -20.56 -2.40
N LYS C 169 -1.19 -20.97 -1.86
CA LYS C 169 0.06 -20.24 -1.98
C LYS C 169 1.13 -21.07 -2.66
N ASP C 170 1.36 -22.30 -2.19
CA ASP C 170 2.36 -23.19 -2.75
C ASP C 170 1.76 -24.53 -3.18
N SER C 171 0.46 -24.71 -3.00
CA SER C 171 -0.27 -25.92 -3.40
C SER C 171 0.32 -27.17 -2.75
N THR C 172 0.33 -27.18 -1.42
CA THR C 172 0.82 -28.33 -0.66
C THR C 172 -0.22 -28.74 0.38
N TYR C 173 -0.57 -30.02 0.38
CA TYR C 173 -1.52 -30.57 1.33
C TYR C 173 -0.90 -30.70 2.72
N SER C 174 -1.76 -30.85 3.72
CA SER C 174 -1.32 -31.05 5.10
C SER C 174 -2.35 -31.90 5.83
N MET C 175 -1.88 -32.79 6.70
CA MET C 175 -2.77 -33.67 7.43
C MET C 175 -2.31 -33.80 8.88
N SER C 176 -3.24 -34.24 9.73
CA SER C 176 -2.97 -34.41 11.16
C SER C 176 -3.41 -35.79 11.60
N SER C 177 -2.47 -36.57 12.15
CA SER C 177 -2.77 -37.87 12.72
C SER C 177 -2.80 -37.72 14.24
N THR C 178 -3.96 -38.02 14.84
CA THR C 178 -4.17 -37.85 16.28
C THR C 178 -4.29 -39.20 16.97
N LEU C 179 -3.49 -39.39 18.02
CA LEU C 179 -3.56 -40.60 18.86
C LEU C 179 -4.09 -40.20 20.23
N THR C 180 -5.38 -40.43 20.46
CA THR C 180 -6.04 -40.05 21.71
C THR C 180 -6.03 -41.24 22.67
N LEU C 181 -5.43 -41.05 23.85
CA LEU C 181 -5.34 -42.12 24.84
C LEU C 181 -5.65 -41.57 26.24
N THR C 182 -5.81 -42.50 27.17
CA THR C 182 -6.10 -42.17 28.56
C THR C 182 -4.81 -41.81 29.31
N LYS C 183 -5.00 -41.18 30.48
CA LYS C 183 -3.86 -40.79 31.31
C LYS C 183 -3.17 -42.00 31.91
N ASP C 184 -3.95 -42.97 32.41
CA ASP C 184 -3.37 -44.17 33.01
C ASP C 184 -2.49 -44.92 32.03
N GLU C 185 -2.93 -45.02 30.77
CA GLU C 185 -2.14 -45.70 29.76
C GLU C 185 -0.97 -44.84 29.30
N TYR C 186 -1.14 -43.51 29.34
CA TYR C 186 -0.08 -42.59 28.94
C TYR C 186 1.08 -42.64 29.92
N GLU C 187 0.80 -42.82 31.21
CA GLU C 187 1.83 -42.84 32.22
C GLU C 187 2.48 -44.22 32.38
N ARG C 188 2.27 -45.11 31.40
CA ARG C 188 2.89 -46.42 31.39
C ARG C 188 3.79 -46.62 30.18
N HIS C 189 4.01 -45.57 29.36
CA HIS C 189 4.89 -45.63 28.21
C HIS C 189 5.66 -44.32 28.12
N ASN C 190 6.88 -44.39 27.57
CA ASN C 190 7.81 -43.27 27.60
C ASN C 190 8.03 -42.63 26.23
N SER C 191 8.65 -43.35 25.29
CA SER C 191 9.07 -42.79 24.01
C SER C 191 8.07 -43.15 22.91
N TYR C 192 7.31 -42.16 22.45
CA TYR C 192 6.36 -42.35 21.36
C TYR C 192 7.03 -42.08 20.02
N THR C 193 6.51 -42.71 18.96
CA THR C 193 7.12 -42.62 17.63
C THR C 193 6.04 -42.72 16.57
N CYS C 194 5.92 -41.70 15.72
CA CYS C 194 5.05 -41.76 14.56
C CYS C 194 5.88 -41.62 13.29
N GLU C 195 5.55 -42.45 12.28
CA GLU C 195 6.26 -42.44 11.01
C GLU C 195 5.28 -42.28 9.86
N ALA C 196 5.76 -41.66 8.77
CA ALA C 196 4.93 -41.38 7.60
C ALA C 196 5.63 -41.87 6.35
N THR C 197 4.90 -42.59 5.50
CA THR C 197 5.40 -43.09 4.23
C THR C 197 4.79 -42.28 3.09
N HIS C 198 5.65 -41.61 2.32
CA HIS C 198 5.25 -40.80 1.18
C HIS C 198 6.02 -41.25 -0.05
N LYS C 199 5.71 -40.65 -1.21
CA LYS C 199 6.35 -41.03 -2.45
C LYS C 199 7.62 -40.23 -2.73
N THR C 200 7.90 -39.20 -1.93
CA THR C 200 9.11 -38.41 -2.12
C THR C 200 10.35 -39.22 -1.78
N SER C 201 10.26 -40.09 -0.79
CA SER C 201 11.38 -40.93 -0.39
C SER C 201 10.85 -42.29 0.06
N THR C 202 11.68 -43.31 -0.14
CA THR C 202 11.32 -44.68 0.22
C THR C 202 11.37 -44.91 1.73
N SER C 203 12.22 -44.19 2.45
CA SER C 203 12.33 -44.36 3.89
C SER C 203 11.31 -43.50 4.62
N PRO C 204 10.37 -44.11 5.34
CA PRO C 204 9.36 -43.33 6.08
C PRO C 204 9.99 -42.41 7.13
N ILE C 205 9.50 -41.18 7.19
CA ILE C 205 9.99 -40.22 8.17
C ILE C 205 9.54 -40.64 9.55
N VAL C 206 10.50 -40.77 10.47
CA VAL C 206 10.27 -41.27 11.82
C VAL C 206 10.55 -40.16 12.82
N LYS C 207 9.55 -39.86 13.66
CA LYS C 207 9.68 -38.91 14.75
C LYS C 207 9.38 -39.58 16.08
N SER C 208 10.19 -39.25 17.10
CA SER C 208 10.09 -39.88 18.41
C SER C 208 10.34 -38.84 19.49
N PHE C 209 9.75 -39.07 20.67
CA PHE C 209 10.02 -38.24 21.82
C PHE C 209 9.92 -39.08 23.09
N ASN C 210 10.43 -38.54 24.18
CA ASN C 210 10.40 -39.20 25.49
C ASN C 210 9.43 -38.47 26.41
N ARG C 211 8.74 -39.24 27.26
CA ARG C 211 7.80 -38.66 28.21
C ARG C 211 8.52 -38.04 29.41
N ASN C 212 9.73 -38.51 29.72
CA ASN C 212 10.47 -38.05 30.89
C ASN C 212 10.90 -36.60 30.74
N GLU C 213 9.93 -35.68 30.84
CA GLU C 213 10.16 -34.24 30.82
C GLU C 213 11.08 -33.83 29.67
N CYS C 214 10.73 -34.31 28.47
CA CYS C 214 11.45 -34.04 27.22
C CYS C 214 12.97 -33.94 27.38
#